data_5SMJ
#
_entry.id   5SMJ
#
_cell.length_a   80.560
_cell.length_b   108.921
_cell.length_c   111.950
_cell.angle_alpha   90.000
_cell.angle_beta   90.000
_cell.angle_gamma   90.000
#
_symmetry.space_group_name_H-M   'P 21 21 21'
#
loop_
_entity.id
_entity.type
_entity.pdbx_description
1 polymer 'N(1),N(8)-bis(glutathionyl)spermidine reductase'
2 non-polymer 'FLAVIN-ADENINE DINUCLEOTIDE'
3 non-polymer 'DIMETHYL SULFOXIDE'
4 non-polymer 'MAGNESIUM ION'
5 non-polymer 'BROMIDE ION'
6 water water
#
_entity_poly.entity_id   1
_entity_poly.type   'polypeptide(L)'
_entity_poly.pdbx_seq_one_letter_code
;GSHMSKAFDLVVIGAGSGGLEAGWNAATLYGKRVAVVDVQTSHGPPFYAALGGTCVNVGCVPKKLMVTGAQYMDHLRESA
GFGWEFDGSSVKANWKKLIAAKNEAVLDINKSYEGMFNDTEGLDFFLGWGSLESKNVVVVRETADPKSAVKERLQADHIL
LATGSWPQMPAIPGIEHCISSNEAFYLPEPPRRVLTVGGGFISVEFAGIFNAYKPPGGKVTLCYRNNLILRGFDETIREE
VTKQLTANGIEIMTNENPAKVSLNTDGSKHVTFESGKTLDVDVVMMAIGRIPRTNDLQLGNVGVKLTPKGGVQVDEFSRT
NVPNIYAIGDITDRLMLTPVAINEGAALVDTVFGNKPRKTDHTRVASAVFSIPPIGTCGLIEEVAAKEFEKVAVYMSSFT
PLMHNISGSKYKKFVAKIVTNHSDGTVLGVHLLGDGAPEIIQAVGVCLRLNAKISDFYNTIGVHPTSAEELCSMRTPSYY
YVKGEKMEKLPDSNL
;
_entity_poly.pdbx_strand_id   A,B
#
# COMPACT_ATOMS: atom_id res chain seq x y z
N LYS A 6 20.88 -39.97 -14.37
CA LYS A 6 21.48 -39.82 -13.00
C LYS A 6 22.65 -38.82 -13.02
N ALA A 7 22.94 -38.22 -14.18
CA ALA A 7 23.97 -37.16 -14.32
C ALA A 7 23.29 -35.82 -14.57
N PHE A 8 23.69 -34.78 -13.83
CA PHE A 8 23.07 -33.42 -13.93
C PHE A 8 24.15 -32.33 -13.88
N ASP A 9 23.92 -31.24 -14.61
CA ASP A 9 24.70 -29.99 -14.47
C ASP A 9 24.58 -29.49 -13.02
N LEU A 10 23.36 -29.50 -12.46
CA LEU A 10 23.06 -28.95 -11.12
C LEU A 10 22.10 -29.89 -10.38
N VAL A 11 22.49 -30.31 -9.18
CA VAL A 11 21.61 -30.91 -8.16
C VAL A 11 21.39 -29.90 -7.03
N VAL A 12 20.11 -29.68 -6.75
CA VAL A 12 19.61 -28.78 -5.67
C VAL A 12 19.00 -29.64 -4.58
N ILE A 13 19.51 -29.49 -3.36
CA ILE A 13 18.98 -30.13 -2.14
C ILE A 13 18.15 -29.06 -1.44
N GLY A 14 16.85 -29.13 -1.68
CA GLY A 14 15.83 -28.28 -1.05
C GLY A 14 15.00 -27.62 -2.13
N ALA A 15 13.74 -27.99 -2.27
CA ALA A 15 12.84 -27.52 -3.33
C ALA A 15 12.06 -26.35 -2.75
N GLY A 16 12.78 -25.35 -2.20
CA GLY A 16 12.19 -24.18 -1.54
C GLY A 16 12.41 -22.91 -2.33
N SER A 17 12.25 -21.78 -1.66
CA SER A 17 12.24 -20.47 -2.32
C SER A 17 13.51 -20.34 -3.21
N GLY A 18 14.68 -20.53 -2.62
CA GLY A 18 15.99 -20.39 -3.30
C GLY A 18 16.24 -21.53 -4.27
N GLY A 19 16.03 -22.78 -3.82
CA GLY A 19 16.36 -23.97 -4.63
C GLY A 19 15.52 -24.01 -5.90
N LEU A 20 14.22 -23.69 -5.84
CA LEU A 20 13.37 -23.78 -7.04
C LEU A 20 13.71 -22.65 -8.01
N GLU A 21 13.98 -21.46 -7.50
CA GLU A 21 14.41 -20.34 -8.40
C GLU A 21 15.68 -20.80 -9.15
N ALA A 22 16.71 -21.28 -8.46
CA ALA A 22 17.96 -21.72 -9.09
C ALA A 22 17.65 -22.85 -10.11
N GLY A 23 16.92 -23.86 -9.67
CA GLY A 23 16.52 -25.02 -10.48
C GLY A 23 15.82 -24.62 -11.77
N TRP A 24 14.69 -23.93 -11.67
CA TRP A 24 13.86 -23.46 -12.82
CA TRP A 24 13.87 -23.50 -12.84
C TRP A 24 14.69 -22.59 -13.77
N ASN A 25 15.46 -21.66 -13.22
CA ASN A 25 16.23 -20.72 -14.06
C ASN A 25 17.30 -21.49 -14.80
N ALA A 26 18.05 -22.34 -14.12
CA ALA A 26 19.15 -23.08 -14.75
C ALA A 26 18.58 -23.90 -15.94
N ALA A 27 17.42 -24.56 -15.74
CA ALA A 27 16.74 -25.36 -16.79
C ALA A 27 16.21 -24.44 -17.88
N THR A 28 15.40 -23.46 -17.56
CA THR A 28 14.56 -22.75 -18.55
C THR A 28 15.38 -21.63 -19.21
N LEU A 29 16.39 -21.08 -18.55
CA LEU A 29 17.12 -19.93 -19.14
C LEU A 29 18.37 -20.41 -19.89
N TYR A 30 19.01 -21.47 -19.41
CA TYR A 30 20.36 -21.94 -19.85
C TYR A 30 20.31 -23.41 -20.32
N GLY A 31 19.10 -23.95 -20.49
CA GLY A 31 18.85 -25.33 -20.96
C GLY A 31 19.72 -26.34 -20.23
N LYS A 32 20.02 -26.11 -18.95
CA LYS A 32 20.87 -27.02 -18.13
C LYS A 32 20.01 -28.16 -17.59
N ARG A 33 20.66 -29.23 -17.15
CA ARG A 33 19.93 -30.43 -16.68
C ARG A 33 20.03 -30.45 -15.16
N VAL A 34 18.87 -30.42 -14.50
CA VAL A 34 18.73 -30.09 -13.06
C VAL A 34 17.93 -31.19 -12.34
N ALA A 35 18.44 -31.59 -11.20
CA ALA A 35 17.75 -32.43 -10.19
C ALA A 35 17.45 -31.58 -8.96
N VAL A 36 16.22 -31.62 -8.48
CA VAL A 36 15.85 -30.99 -7.19
C VAL A 36 15.29 -32.06 -6.25
N VAL A 37 15.84 -32.11 -5.04
CA VAL A 37 15.51 -33.07 -3.96
C VAL A 37 14.69 -32.34 -2.89
N ASP A 38 13.60 -32.96 -2.44
CA ASP A 38 12.93 -32.54 -1.19
C ASP A 38 12.33 -33.79 -0.53
N VAL A 39 11.97 -33.65 0.73
CA VAL A 39 11.58 -34.77 1.62
C VAL A 39 10.08 -35.08 1.44
N GLN A 40 9.30 -34.19 0.83
CA GLN A 40 7.81 -34.28 0.86
C GLN A 40 7.24 -33.50 -0.33
N THR A 41 6.15 -33.97 -0.94
CA THR A 41 5.60 -33.32 -2.16
C THR A 41 4.51 -32.31 -1.78
N SER A 42 3.91 -32.37 -0.60
CA SER A 42 2.83 -31.43 -0.19
C SER A 42 2.93 -31.16 1.29
N HIS A 43 2.25 -30.08 1.73
CA HIS A 43 2.41 -29.47 3.05
C HIS A 43 2.03 -30.42 4.17
N GLY A 44 2.66 -30.18 5.30
CA GLY A 44 2.12 -30.58 6.61
C GLY A 44 2.88 -31.78 7.18
N PRO A 45 2.38 -32.34 8.30
CA PRO A 45 3.11 -33.37 9.01
C PRO A 45 3.37 -34.50 8.02
N PRO A 46 4.46 -35.30 8.15
CA PRO A 46 5.39 -35.18 9.25
C PRO A 46 6.51 -34.12 9.14
N PHE A 47 6.87 -33.69 7.91
CA PHE A 47 8.11 -32.87 7.68
C PHE A 47 7.81 -31.37 7.44
N TYR A 48 6.54 -31.01 7.30
CA TYR A 48 5.96 -29.64 7.37
C TYR A 48 6.28 -28.87 6.09
N ALA A 49 7.57 -28.54 5.89
CA ALA A 49 8.08 -28.01 4.61
C ALA A 49 8.10 -29.17 3.61
N ALA A 50 7.95 -28.84 2.37
CA ALA A 50 7.73 -29.77 1.26
C ALA A 50 8.12 -29.01 0.02
N LEU A 51 7.94 -29.64 -1.14
CA LEU A 51 7.98 -28.97 -2.46
C LEU A 51 7.36 -27.57 -2.35
N GLY A 52 8.12 -26.54 -2.70
CA GLY A 52 7.74 -25.12 -2.59
C GLY A 52 8.47 -24.45 -1.46
N GLY A 53 8.81 -25.21 -0.43
CA GLY A 53 9.65 -24.82 0.71
C GLY A 53 8.87 -24.28 1.89
N THR A 54 9.57 -23.61 2.79
CA THR A 54 9.05 -23.21 4.11
C THR A 54 8.01 -22.12 3.89
N CYS A 55 8.30 -21.20 3.00
CA CYS A 55 7.43 -20.03 2.80
C CYS A 55 6.07 -20.50 2.28
N VAL A 56 6.07 -21.35 1.27
CA VAL A 56 4.83 -21.87 0.64
C VAL A 56 4.05 -22.71 1.66
N ASN A 57 4.73 -23.63 2.33
CA ASN A 57 4.04 -24.69 3.14
C ASN A 57 3.71 -24.23 4.55
N VAL A 58 4.65 -23.67 5.30
CA VAL A 58 4.49 -23.33 6.74
C VAL A 58 5.20 -21.98 7.01
N GLY A 59 5.00 -20.98 6.14
CA GLY A 59 5.73 -19.70 6.20
C GLY A 59 4.90 -18.55 5.67
N CYS A 60 5.50 -17.71 4.82
CA CYS A 60 4.90 -16.44 4.37
C CYS A 60 3.45 -16.69 3.92
N VAL A 61 3.26 -17.66 3.05
CA VAL A 61 2.01 -17.82 2.26
C VAL A 61 0.87 -18.09 3.23
N PRO A 62 0.89 -19.21 3.97
CA PRO A 62 -0.20 -19.46 4.92
C PRO A 62 -0.30 -18.43 6.02
N LYS A 63 0.84 -17.93 6.56
CA LYS A 63 0.85 -16.91 7.62
C LYS A 63 0.05 -15.69 7.13
N LYS A 64 0.31 -15.26 5.91
CA LYS A 64 -0.32 -14.03 5.38
C LYS A 64 -1.82 -14.25 5.27
N LEU A 65 -2.25 -15.42 4.78
CA LEU A 65 -3.71 -15.69 4.70
C LEU A 65 -4.33 -15.66 6.10
N MET A 66 -3.61 -16.15 7.11
CA MET A 66 -4.17 -16.25 8.47
C MET A 66 -4.18 -14.87 9.13
N VAL A 67 -3.18 -14.05 8.87
CA VAL A 67 -3.18 -12.65 9.36
C VAL A 67 -4.36 -11.93 8.68
N THR A 68 -4.55 -12.10 7.39
CA THR A 68 -5.67 -11.46 6.68
C THR A 68 -6.98 -11.90 7.37
N GLY A 69 -7.08 -13.17 7.71
CA GLY A 69 -8.29 -13.66 8.42
C GLY A 69 -8.41 -12.97 9.76
N ALA A 70 -7.31 -12.86 10.47
CA ALA A 70 -7.28 -12.17 11.77
C ALA A 70 -7.68 -10.71 11.65
N GLN A 71 -7.33 -10.01 10.56
CA GLN A 71 -7.65 -8.59 10.38
C GLN A 71 -9.16 -8.37 10.44
N TYR A 72 -9.97 -9.33 10.08
CA TYR A 72 -11.45 -9.12 10.05
C TYR A 72 -11.99 -8.86 11.45
N MET A 73 -11.29 -9.28 12.51
CA MET A 73 -11.73 -8.90 13.86
C MET A 73 -11.76 -7.36 13.96
N ASP A 74 -10.71 -6.72 13.48
CA ASP A 74 -10.60 -5.25 13.50
C ASP A 74 -11.58 -4.64 12.48
N HIS A 75 -11.68 -5.18 11.28
CA HIS A 75 -12.64 -4.59 10.29
C HIS A 75 -14.07 -4.66 10.85
N LEU A 76 -14.49 -5.80 11.38
CA LEU A 76 -15.89 -5.94 11.86
C LEU A 76 -16.16 -4.88 12.94
N ARG A 77 -15.25 -4.69 13.88
CA ARG A 77 -15.39 -3.65 14.93
C ARG A 77 -15.37 -2.24 14.33
N GLU A 78 -14.37 -1.94 13.50
CA GLU A 78 -14.14 -0.62 12.91
C GLU A 78 -15.29 -0.19 12.00
N SER A 79 -15.97 -1.12 11.37
CA SER A 79 -17.11 -0.86 10.46
C SER A 79 -18.18 0.00 11.16
N ALA A 80 -18.36 -0.13 12.47
CA ALA A 80 -19.46 0.55 13.20
C ALA A 80 -19.33 2.07 13.05
N GLY A 81 -18.12 2.60 13.17
CA GLY A 81 -17.82 4.04 13.05
C GLY A 81 -18.22 4.59 11.69
N PHE A 82 -18.33 3.74 10.68
CA PHE A 82 -18.72 4.15 9.31
C PHE A 82 -20.19 3.82 9.10
N GLY A 83 -20.89 3.41 10.16
CA GLY A 83 -22.34 3.21 10.07
C GLY A 83 -22.78 1.77 9.86
N TRP A 84 -21.88 0.77 9.87
CA TRP A 84 -22.27 -0.64 9.68
C TRP A 84 -22.88 -1.12 11.00
N GLU A 85 -24.00 -1.82 10.88
CA GLU A 85 -24.74 -2.28 12.05
C GLU A 85 -24.95 -3.76 11.84
N PHE A 86 -24.77 -4.56 12.87
CA PHE A 86 -25.11 -5.99 12.82
C PHE A 86 -25.11 -6.50 14.23
N ASP A 87 -25.58 -7.72 14.38
CA ASP A 87 -25.63 -8.39 15.68
C ASP A 87 -24.22 -8.81 16.13
N GLY A 88 -23.61 -7.99 16.98
CA GLY A 88 -22.23 -8.20 17.48
C GLY A 88 -22.15 -9.50 18.25
N SER A 89 -23.23 -9.88 18.95
CA SER A 89 -23.29 -11.13 19.74
C SER A 89 -23.26 -12.37 18.82
N SER A 90 -23.58 -12.25 17.52
CA SER A 90 -23.59 -13.41 16.59
C SER A 90 -22.20 -13.70 15.99
N VAL A 91 -21.22 -12.81 16.21
CA VAL A 91 -19.90 -12.90 15.52
C VAL A 91 -19.14 -14.10 16.09
N LYS A 92 -18.72 -15.03 15.23
CA LYS A 92 -17.82 -16.14 15.64
C LYS A 92 -16.67 -16.21 14.63
N ALA A 93 -15.50 -16.59 15.10
CA ALA A 93 -14.30 -16.78 14.27
C ALA A 93 -14.08 -18.28 14.15
N ASN A 94 -14.34 -18.82 12.98
CA ASN A 94 -14.28 -20.28 12.76
C ASN A 94 -12.89 -20.60 12.23
N TRP A 95 -12.02 -20.89 13.17
CA TRP A 95 -10.61 -21.32 12.93
C TRP A 95 -10.54 -22.52 12.00
N LYS A 96 -11.40 -23.53 12.20
CA LYS A 96 -11.31 -24.74 11.36
C LYS A 96 -11.53 -24.36 9.89
N LYS A 97 -12.46 -23.47 9.61
CA LYS A 97 -12.74 -23.00 8.24
CA LYS A 97 -12.72 -23.04 8.22
C LYS A 97 -11.46 -22.34 7.73
N LEU A 98 -10.85 -21.49 8.55
CA LEU A 98 -9.64 -20.76 8.10
C LEU A 98 -8.57 -21.78 7.74
N ILE A 99 -8.31 -22.75 8.63
CA ILE A 99 -7.25 -23.75 8.40
C ILE A 99 -7.58 -24.58 7.15
N ALA A 100 -8.84 -24.97 6.94
CA ALA A 100 -9.22 -25.77 5.76
C ALA A 100 -8.95 -24.94 4.51
N ALA A 101 -9.22 -23.62 4.54
CA ALA A 101 -9.05 -22.76 3.34
C ALA A 101 -7.54 -22.59 3.07
N LYS A 102 -6.78 -22.39 4.14
CA LYS A 102 -5.31 -22.28 4.05
C LYS A 102 -4.75 -23.57 3.43
N ASN A 103 -5.19 -24.72 3.91
CA ASN A 103 -4.67 -26.03 3.44
C ASN A 103 -4.93 -26.19 1.94
N GLU A 104 -6.14 -25.87 1.49
CA GLU A 104 -6.48 -26.00 0.05
C GLU A 104 -5.57 -25.06 -0.76
N ALA A 105 -5.34 -23.85 -0.27
CA ALA A 105 -4.53 -22.84 -0.99
C ALA A 105 -3.09 -23.34 -1.11
N VAL A 106 -2.52 -23.90 -0.05
CA VAL A 106 -1.12 -24.39 -0.04
C VAL A 106 -1.05 -25.64 -0.91
N LEU A 107 -1.96 -26.60 -0.74
CA LEU A 107 -2.00 -27.81 -1.63
C LEU A 107 -1.99 -27.41 -3.12
N ASP A 108 -2.84 -26.47 -3.54
CA ASP A 108 -2.88 -26.00 -4.94
C ASP A 108 -1.48 -25.52 -5.37
N ILE A 109 -0.73 -24.84 -4.51
CA ILE A 109 0.65 -24.39 -4.89
C ILE A 109 1.53 -25.63 -5.01
N ASN A 110 1.37 -26.56 -4.08
CA ASN A 110 2.19 -27.77 -4.11
C ASN A 110 1.96 -28.44 -5.46
N LYS A 111 0.70 -28.51 -5.88
CA LYS A 111 0.33 -29.21 -7.14
C LYS A 111 0.88 -28.40 -8.31
N SER A 112 0.93 -27.08 -8.18
CA SER A 112 1.45 -26.17 -9.23
C SER A 112 2.92 -26.51 -9.49
N TYR A 113 3.68 -26.76 -8.43
CA TYR A 113 5.13 -27.04 -8.53
C TYR A 113 5.33 -28.42 -9.17
N GLU A 114 4.47 -29.35 -8.80
CA GLU A 114 4.50 -30.71 -9.41
C GLU A 114 4.37 -30.53 -10.92
N GLY A 115 3.40 -29.73 -11.36
CA GLY A 115 3.12 -29.54 -12.80
C GLY A 115 4.32 -28.90 -13.48
N MET A 116 4.96 -27.96 -12.78
CA MET A 116 6.16 -27.25 -13.25
C MET A 116 7.27 -28.25 -13.55
N PHE A 117 7.56 -29.21 -12.66
CA PHE A 117 8.61 -30.23 -12.87
C PHE A 117 8.26 -31.14 -14.08
N ASN A 118 7.03 -31.62 -14.16
CA ASN A 118 6.63 -32.60 -15.21
C ASN A 118 6.63 -31.90 -16.56
N ASP A 119 6.29 -30.60 -16.60
CA ASP A 119 6.17 -29.87 -17.89
C ASP A 119 7.56 -29.51 -18.42
N THR A 120 8.57 -29.42 -17.56
CA THR A 120 9.83 -28.74 -17.94
C THR A 120 10.88 -29.79 -18.26
N GLU A 121 11.42 -29.73 -19.48
CA GLU A 121 12.48 -30.67 -19.94
C GLU A 121 13.74 -30.43 -19.10
N GLY A 122 14.30 -31.51 -18.55
CA GLY A 122 15.60 -31.54 -17.87
C GLY A 122 15.51 -30.93 -16.49
N LEU A 123 14.31 -30.89 -15.94
CA LEU A 123 14.05 -30.41 -14.57
C LEU A 123 13.32 -31.53 -13.86
N ASP A 124 14.03 -32.26 -13.01
CA ASP A 124 13.51 -33.50 -12.39
C ASP A 124 13.52 -33.37 -10.87
N PHE A 125 12.38 -33.71 -10.27
CA PHE A 125 12.20 -33.77 -8.81
C PHE A 125 12.48 -35.20 -8.33
N PHE A 126 13.27 -35.34 -7.28
CA PHE A 126 13.55 -36.60 -6.55
C PHE A 126 13.03 -36.43 -5.10
N LEU A 127 12.16 -37.34 -4.67
CA LEU A 127 11.61 -37.38 -3.28
C LEU A 127 12.60 -38.11 -2.39
N GLY A 128 12.87 -37.56 -1.23
CA GLY A 128 13.76 -38.19 -0.27
C GLY A 128 14.70 -37.18 0.32
N TRP A 129 15.68 -37.67 1.07
CA TRP A 129 16.64 -36.85 1.85
C TRP A 129 17.95 -36.79 1.08
N GLY A 130 18.31 -35.59 0.62
CA GLY A 130 19.61 -35.30 0.02
C GLY A 130 20.70 -35.18 1.07
N SER A 131 21.89 -35.73 0.78
CA SER A 131 23.13 -35.55 1.57
C SER A 131 24.33 -35.65 0.61
N LEU A 132 25.48 -35.15 1.02
CA LEU A 132 26.73 -35.16 0.19
C LEU A 132 27.50 -36.47 0.46
N GLU A 133 27.54 -37.33 -0.55
CA GLU A 133 28.42 -38.53 -0.57
C GLU A 133 29.85 -38.07 -0.84
N SER A 134 30.02 -37.36 -1.95
CA SER A 134 31.31 -36.80 -2.45
C SER A 134 31.08 -35.46 -3.16
N LYS A 135 32.19 -34.80 -3.50
CA LYS A 135 32.24 -33.45 -4.12
C LYS A 135 31.25 -33.34 -5.28
N ASN A 136 30.99 -34.44 -6.01
CA ASN A 136 30.20 -34.41 -7.26
C ASN A 136 29.02 -35.41 -7.24
N VAL A 137 28.68 -35.94 -6.06
CA VAL A 137 27.63 -36.97 -5.89
C VAL A 137 26.70 -36.60 -4.72
N VAL A 138 25.43 -36.42 -5.04
CA VAL A 138 24.36 -36.34 -4.00
C VAL A 138 23.65 -37.69 -3.96
N VAL A 139 23.47 -38.21 -2.77
CA VAL A 139 22.68 -39.44 -2.49
C VAL A 139 21.32 -39.02 -1.94
N VAL A 140 20.24 -39.55 -2.51
CA VAL A 140 18.87 -39.43 -1.95
C VAL A 140 18.57 -40.72 -1.19
N ARG A 141 18.35 -40.61 0.11
CA ARG A 141 18.02 -41.74 1.00
C ARG A 141 16.53 -41.67 1.38
N GLU A 142 16.00 -42.74 1.96
CA GLU A 142 14.56 -42.82 2.32
C GLU A 142 14.29 -41.95 3.54
N THR A 143 15.23 -41.83 4.48
CA THR A 143 15.01 -41.02 5.71
C THR A 143 16.24 -40.14 5.95
N ALA A 144 16.17 -39.34 7.03
CA ALA A 144 17.23 -38.40 7.47
C ALA A 144 18.37 -39.19 8.10
N ASP A 145 18.12 -40.47 8.37
CA ASP A 145 19.17 -41.41 8.81
C ASP A 145 20.13 -41.67 7.64
N PRO A 146 21.44 -41.35 7.81
CA PRO A 146 22.43 -41.60 6.76
C PRO A 146 22.55 -43.10 6.40
N LYS A 147 22.06 -43.98 7.29
CA LYS A 147 22.10 -45.46 7.14
C LYS A 147 20.87 -45.98 6.41
N SER A 148 19.94 -45.12 5.95
CA SER A 148 18.69 -45.57 5.30
C SER A 148 19.00 -45.87 3.83
N ALA A 149 18.11 -46.58 3.15
CA ALA A 149 18.28 -47.06 1.76
C ALA A 149 18.54 -45.87 0.82
N VAL A 150 19.34 -46.11 -0.20
CA VAL A 150 19.57 -45.15 -1.31
C VAL A 150 18.42 -45.29 -2.30
N LYS A 151 17.72 -44.20 -2.57
CA LYS A 151 16.71 -44.17 -3.65
C LYS A 151 17.44 -43.80 -4.94
N GLU A 152 18.44 -42.92 -4.86
CA GLU A 152 19.16 -42.37 -6.03
C GLU A 152 20.59 -41.94 -5.67
N ARG A 153 21.44 -42.03 -6.69
CA ARG A 153 22.80 -41.45 -6.75
C ARG A 153 22.78 -40.44 -7.89
N LEU A 154 23.08 -39.19 -7.56
CA LEU A 154 22.98 -38.03 -8.47
C LEU A 154 24.40 -37.51 -8.71
N GLN A 155 24.85 -37.61 -9.96
CA GLN A 155 26.11 -37.02 -10.48
C GLN A 155 25.83 -35.55 -10.81
N ALA A 156 26.65 -34.67 -10.24
CA ALA A 156 26.45 -33.20 -10.19
C ALA A 156 27.71 -32.46 -10.60
N ASP A 157 27.69 -31.77 -11.76
CA ASP A 157 28.76 -30.79 -12.16
C ASP A 157 28.78 -29.65 -11.12
N HIS A 158 27.61 -29.32 -10.54
CA HIS A 158 27.44 -28.30 -9.46
C HIS A 158 26.35 -28.73 -8.47
N ILE A 159 26.61 -28.53 -7.17
CA ILE A 159 25.67 -28.84 -6.06
C ILE A 159 25.24 -27.54 -5.34
N LEU A 160 23.93 -27.31 -5.25
CA LEU A 160 23.36 -26.19 -4.46
C LEU A 160 22.70 -26.73 -3.19
N LEU A 161 23.19 -26.30 -2.05
CA LEU A 161 22.53 -26.50 -0.74
C LEU A 161 21.52 -25.39 -0.46
N ALA A 162 20.26 -25.75 -0.25
CA ALA A 162 19.15 -24.80 -0.09
C ALA A 162 18.09 -25.46 0.78
N THR A 163 18.49 -25.96 1.95
CA THR A 163 17.68 -26.82 2.85
C THR A 163 16.94 -25.95 3.87
N GLY A 164 17.20 -24.64 3.83
CA GLY A 164 16.55 -23.67 4.72
C GLY A 164 16.86 -23.87 6.19
N SER A 165 15.87 -23.59 7.04
CA SER A 165 16.03 -23.53 8.51
C SER A 165 14.93 -24.35 9.19
N TRP A 166 14.95 -24.32 10.50
CA TRP A 166 14.02 -25.14 11.31
C TRP A 166 13.90 -24.47 12.64
N PRO A 167 12.76 -24.58 13.33
CA PRO A 167 12.59 -23.89 14.59
C PRO A 167 13.50 -24.47 15.66
N GLN A 168 13.98 -23.59 16.51
CA GLN A 168 14.80 -23.96 17.66
C GLN A 168 13.86 -24.11 18.84
N MET A 169 13.95 -25.25 19.53
CA MET A 169 13.05 -25.49 20.71
C MET A 169 13.93 -25.49 21.95
N PRO A 170 13.77 -24.55 22.90
CA PRO A 170 14.70 -24.45 24.01
C PRO A 170 14.66 -25.75 24.85
N ALA A 171 15.83 -26.19 25.33
CA ALA A 171 15.94 -27.51 26.01
C ALA A 171 15.54 -27.33 27.47
N ILE A 172 14.26 -27.08 27.69
CA ILE A 172 13.69 -26.89 29.05
C ILE A 172 12.82 -28.09 29.38
N PRO A 173 12.68 -28.44 30.68
CA PRO A 173 11.77 -29.51 31.07
C PRO A 173 10.34 -29.20 30.58
N GLY A 174 9.73 -30.14 29.86
CA GLY A 174 8.36 -30.07 29.30
C GLY A 174 8.30 -29.39 27.93
N ILE A 175 9.44 -29.26 27.24
CA ILE A 175 9.44 -28.73 25.85
C ILE A 175 8.54 -29.60 24.97
N GLU A 176 8.38 -30.90 25.28
CA GLU A 176 7.52 -31.80 24.47
C GLU A 176 6.05 -31.38 24.57
N HIS A 177 5.66 -30.52 25.51
CA HIS A 177 4.27 -30.03 25.67
C HIS A 177 4.09 -28.77 24.81
N CYS A 178 5.16 -28.31 24.16
CA CYS A 178 5.16 -27.02 23.41
C CYS A 178 5.14 -27.32 21.92
N ILE A 179 4.77 -26.31 21.13
CA ILE A 179 4.80 -26.43 19.66
C ILE A 179 5.70 -25.34 19.11
N SER A 180 5.93 -25.44 17.81
CA SER A 180 6.55 -24.40 16.97
C SER A 180 5.50 -23.85 16.02
N SER A 181 5.89 -22.89 15.21
CA SER A 181 5.01 -22.40 14.15
C SER A 181 4.53 -23.56 13.27
N ASN A 182 5.32 -24.62 13.04
CA ASN A 182 4.99 -25.77 12.18
C ASN A 182 3.62 -26.30 12.62
N GLU A 183 3.47 -26.60 13.91
CA GLU A 183 2.23 -27.22 14.47
C GLU A 183 1.15 -26.15 14.56
N ALA A 184 1.53 -24.87 14.73
CA ALA A 184 0.52 -23.78 14.86
C ALA A 184 -0.38 -23.80 13.63
N PHE A 185 0.18 -24.07 12.45
CA PHE A 185 -0.58 -24.07 11.18
C PHE A 185 -1.62 -25.18 11.14
N TYR A 186 -1.58 -26.14 12.06
CA TYR A 186 -2.41 -27.36 11.95
C TYR A 186 -3.24 -27.60 13.22
N LEU A 187 -3.22 -26.67 14.16
CA LEU A 187 -4.02 -26.82 15.39
C LEU A 187 -5.45 -27.11 14.99
N PRO A 188 -6.08 -28.19 15.51
CA PRO A 188 -7.47 -28.49 15.20
C PRO A 188 -8.46 -27.45 15.75
N GLU A 189 -8.13 -26.81 16.86
CA GLU A 189 -9.00 -25.80 17.50
C GLU A 189 -8.17 -24.59 17.84
N PRO A 190 -8.74 -23.36 17.83
CA PRO A 190 -7.97 -22.16 18.15
C PRO A 190 -7.82 -22.18 19.66
N PRO A 191 -6.64 -21.91 20.24
CA PRO A 191 -6.47 -21.95 21.68
C PRO A 191 -7.21 -20.80 22.36
N ARG A 192 -7.80 -21.11 23.52
CA ARG A 192 -8.43 -20.07 24.37
C ARG A 192 -7.33 -19.20 24.95
N ARG A 193 -6.30 -19.83 25.52
CA ARG A 193 -5.14 -19.14 26.12
C ARG A 193 -3.89 -19.62 25.42
N VAL A 194 -3.09 -18.70 24.92
CA VAL A 194 -1.86 -19.13 24.23
C VAL A 194 -0.73 -18.21 24.68
N LEU A 195 0.43 -18.83 24.89
CA LEU A 195 1.70 -18.12 25.15
C LEU A 195 2.53 -18.25 23.89
N THR A 196 2.80 -17.15 23.20
CA THR A 196 3.80 -17.15 22.10
C THR A 196 5.10 -16.72 22.77
N VAL A 197 6.12 -17.54 22.60
CA VAL A 197 7.45 -17.28 23.20
C VAL A 197 8.38 -16.74 22.13
N GLY A 198 8.84 -15.51 22.38
CA GLY A 198 9.80 -14.83 21.51
C GLY A 198 9.32 -13.47 21.11
N GLY A 199 10.28 -12.66 20.67
CA GLY A 199 10.08 -11.21 20.42
C GLY A 199 10.23 -10.87 18.94
N GLY A 200 10.43 -11.85 18.09
CA GLY A 200 10.59 -11.67 16.63
C GLY A 200 9.27 -11.72 15.89
N PHE A 201 9.36 -11.63 14.58
CA PHE A 201 8.17 -11.43 13.72
C PHE A 201 7.22 -12.60 13.86
N ILE A 202 7.76 -13.81 14.01
CA ILE A 202 6.91 -15.04 14.01
C ILE A 202 6.04 -15.05 15.25
N SER A 203 6.59 -14.73 16.42
CA SER A 203 5.80 -14.68 17.66
C SER A 203 4.75 -13.56 17.56
N VAL A 204 5.18 -12.38 17.07
CA VAL A 204 4.29 -11.19 16.99
C VAL A 204 3.13 -11.49 16.03
N GLU A 205 3.41 -12.13 14.91
CA GLU A 205 2.40 -12.37 13.85
C GLU A 205 1.40 -13.39 14.37
N PHE A 206 1.91 -14.44 14.99
CA PHE A 206 1.00 -15.48 15.55
C PHE A 206 0.21 -14.93 16.73
N ALA A 207 0.77 -14.06 17.57
CA ALA A 207 -0.01 -13.46 18.66
C ALA A 207 -1.27 -12.77 18.06
N GLY A 208 -1.07 -12.06 16.95
CA GLY A 208 -2.17 -11.39 16.25
C GLY A 208 -3.22 -12.38 15.76
N ILE A 209 -2.76 -13.45 15.13
CA ILE A 209 -3.63 -14.49 14.55
C ILE A 209 -4.43 -15.08 15.70
N PHE A 210 -3.75 -15.52 16.76
CA PHE A 210 -4.49 -16.24 17.82
C PHE A 210 -5.45 -15.26 18.49
N ASN A 211 -5.03 -13.98 18.58
CA ASN A 211 -5.84 -12.97 19.27
C ASN A 211 -7.21 -12.83 18.58
N ALA A 212 -7.24 -12.99 17.26
CA ALA A 212 -8.48 -12.78 16.49
C ALA A 212 -9.34 -14.04 16.58
N TYR A 213 -8.76 -15.23 16.62
CA TYR A 213 -9.53 -16.50 16.50
C TYR A 213 -9.81 -17.11 17.87
N LYS A 214 -9.36 -16.49 18.95
CA LYS A 214 -9.55 -17.09 20.30
C LYS A 214 -11.05 -17.18 20.58
N PRO A 215 -11.47 -18.30 21.18
CA PRO A 215 -12.83 -18.45 21.69
C PRO A 215 -13.10 -17.44 22.80
N PRO A 216 -14.39 -17.30 23.23
CA PRO A 216 -14.77 -16.30 24.23
C PRO A 216 -13.97 -16.54 25.52
N GLY A 217 -13.67 -15.44 26.22
CA GLY A 217 -12.86 -15.43 27.45
C GLY A 217 -11.42 -15.84 27.19
N GLY A 218 -10.95 -15.67 25.96
CA GLY A 218 -9.58 -16.06 25.59
C GLY A 218 -8.58 -15.00 25.96
N LYS A 219 -7.31 -15.37 25.92
CA LYS A 219 -6.20 -14.46 26.25
C LYS A 219 -4.94 -14.91 25.53
N VAL A 220 -4.38 -14.01 24.76
CA VAL A 220 -3.06 -14.19 24.12
C VAL A 220 -2.04 -13.45 24.95
N THR A 221 -1.02 -14.16 25.35
CA THR A 221 0.19 -13.62 26.03
C THR A 221 1.41 -13.86 25.15
N LEU A 222 2.17 -12.81 24.91
CA LEU A 222 3.46 -12.94 24.22
C LEU A 222 4.55 -12.68 25.25
N CYS A 223 5.51 -13.59 25.41
CA CYS A 223 6.63 -13.32 26.33
C CYS A 223 7.91 -13.15 25.52
N TYR A 224 8.76 -12.25 26.01
CA TYR A 224 10.08 -12.03 25.41
C TYR A 224 11.12 -11.85 26.52
N ARG A 225 12.30 -12.43 26.33
CA ARG A 225 13.28 -12.58 27.43
C ARG A 225 13.97 -11.24 27.70
N ASN A 226 13.92 -10.28 26.77
CA ASN A 226 14.56 -8.96 27.00
C ASN A 226 13.46 -7.92 27.06
N ASN A 227 13.84 -6.65 26.96
CA ASN A 227 13.01 -5.55 27.47
C ASN A 227 11.94 -5.12 26.44
N LEU A 228 12.22 -5.29 25.15
CA LEU A 228 11.44 -4.66 24.06
C LEU A 228 11.49 -5.60 22.86
N ILE A 229 10.32 -5.93 22.33
CA ILE A 229 10.20 -6.93 21.22
C ILE A 229 10.83 -6.34 19.95
N LEU A 230 11.00 -7.21 18.95
CA LEU A 230 11.36 -6.83 17.55
C LEU A 230 12.69 -6.09 17.49
N ARG A 231 13.67 -6.63 18.22
CA ARG A 231 15.09 -6.24 18.04
C ARG A 231 15.39 -6.17 16.56
N GLY A 232 16.10 -5.11 16.15
CA GLY A 232 16.59 -4.92 14.78
C GLY A 232 15.66 -4.03 13.96
N PHE A 233 14.42 -3.83 14.42
CA PHE A 233 13.45 -2.87 13.84
C PHE A 233 13.66 -1.50 14.48
N ASP A 234 13.09 -0.49 13.84
CA ASP A 234 13.13 0.91 14.33
C ASP A 234 12.59 0.95 15.76
N GLU A 235 13.24 1.69 16.64
CA GLU A 235 12.86 1.65 18.08
C GLU A 235 11.46 2.24 18.31
N THR A 236 11.16 3.34 17.62
CA THR A 236 9.86 4.04 17.72
C THR A 236 8.77 3.01 17.39
N ILE A 237 9.01 2.24 16.34
CA ILE A 237 8.04 1.24 15.86
C ILE A 237 7.95 0.07 16.85
N ARG A 238 9.07 -0.39 17.41
CA ARG A 238 9.06 -1.48 18.40
C ARG A 238 8.16 -1.04 19.54
N GLU A 239 8.31 0.21 20.01
CA GLU A 239 7.52 0.69 21.17
C GLU A 239 6.04 0.80 20.74
N GLU A 240 5.78 1.31 19.54
CA GLU A 240 4.40 1.51 19.09
C GLU A 240 3.69 0.19 18.88
N VAL A 241 4.33 -0.78 18.22
CA VAL A 241 3.68 -2.11 17.97
CA VAL A 241 3.67 -2.09 17.96
C VAL A 241 3.34 -2.70 19.32
N THR A 242 4.26 -2.55 20.28
CA THR A 242 4.00 -3.04 21.67
C THR A 242 2.67 -2.43 22.17
N LYS A 243 2.49 -1.12 22.07
CA LYS A 243 1.28 -0.42 22.56
C LYS A 243 0.07 -0.89 21.74
N GLN A 244 0.23 -1.02 20.42
CA GLN A 244 -0.95 -1.28 19.56
C GLN A 244 -1.38 -2.74 19.74
N LEU A 245 -0.45 -3.67 19.98
CA LEU A 245 -0.82 -5.08 20.28
C LEU A 245 -1.56 -5.12 21.63
N THR A 246 -1.02 -4.41 22.62
CA THR A 246 -1.62 -4.27 23.97
C THR A 246 -3.03 -3.71 23.83
N ALA A 247 -3.17 -2.70 23.01
CA ALA A 247 -4.48 -2.00 22.83
C ALA A 247 -5.50 -3.00 22.28
N ASN A 248 -5.07 -4.05 21.62
CA ASN A 248 -5.99 -5.00 20.96
C ASN A 248 -6.12 -6.28 21.81
N GLY A 249 -5.68 -6.26 23.06
CA GLY A 249 -5.98 -7.33 24.04
C GLY A 249 -4.82 -8.28 24.23
N ILE A 250 -3.68 -8.06 23.59
CA ILE A 250 -2.53 -9.00 23.71
C ILE A 250 -1.68 -8.53 24.91
N GLU A 251 -1.34 -9.46 25.80
CA GLU A 251 -0.49 -9.16 26.98
C GLU A 251 0.96 -9.41 26.57
N ILE A 252 1.81 -8.38 26.64
CA ILE A 252 3.24 -8.45 26.26
C ILE A 252 4.04 -8.57 27.57
N MET A 253 4.55 -9.76 27.90
CA MET A 253 5.36 -10.02 29.12
C MET A 253 6.82 -9.95 28.69
N THR A 254 7.49 -8.82 28.88
CA THR A 254 8.92 -8.62 28.56
C THR A 254 9.77 -8.94 29.79
N ASN A 255 11.05 -9.24 29.58
CA ASN A 255 11.96 -9.66 30.68
C ASN A 255 11.42 -10.96 31.29
N GLU A 256 10.83 -11.85 30.49
CA GLU A 256 10.30 -13.13 31.03
C GLU A 256 10.59 -14.24 30.06
N ASN A 257 10.86 -15.42 30.58
CA ASN A 257 11.27 -16.55 29.72
C ASN A 257 10.89 -17.84 30.43
N PRO A 258 10.21 -18.77 29.74
CA PRO A 258 9.88 -20.07 30.29
C PRO A 258 11.12 -20.86 30.76
N ALA A 259 11.01 -21.37 31.99
CA ALA A 259 12.00 -22.23 32.68
C ALA A 259 11.52 -23.68 32.54
N LYS A 260 10.21 -23.91 32.65
CA LYS A 260 9.64 -25.26 32.42
C LYS A 260 8.15 -25.18 32.16
N VAL A 261 7.66 -26.29 31.65
CA VAL A 261 6.23 -26.51 31.34
C VAL A 261 5.85 -27.90 31.85
N SER A 262 4.71 -28.01 32.51
CA SER A 262 4.10 -29.33 32.82
C SER A 262 2.65 -29.35 32.35
N LEU A 263 2.12 -30.53 32.11
CA LEU A 263 0.70 -30.74 31.81
C LEU A 263 -0.07 -30.65 33.13
N ASN A 264 -1.06 -29.78 33.17
CA ASN A 264 -2.15 -29.87 34.20
C ASN A 264 -2.98 -31.10 33.86
N THR A 265 -3.76 -31.62 34.83
CA THR A 265 -4.56 -32.85 34.63
C THR A 265 -5.63 -32.59 33.55
N ASP A 266 -6.06 -31.34 33.33
CA ASP A 266 -7.09 -31.02 32.29
C ASP A 266 -6.42 -30.88 30.90
N GLY A 267 -5.11 -31.11 30.80
CA GLY A 267 -4.36 -31.13 29.53
C GLY A 267 -3.85 -29.76 29.15
N SER A 268 -4.17 -28.73 29.93
CA SER A 268 -3.59 -27.39 29.79
C SER A 268 -2.13 -27.40 30.26
N LYS A 269 -1.41 -26.34 29.92
CA LYS A 269 0.03 -26.19 30.22
C LYS A 269 0.27 -25.21 31.34
N HIS A 270 1.05 -25.68 32.30
CA HIS A 270 1.48 -24.88 33.46
C HIS A 270 2.90 -24.44 33.16
N VAL A 271 3.05 -23.17 32.76
CA VAL A 271 4.35 -22.53 32.42
C VAL A 271 4.91 -21.89 33.69
N THR A 272 6.12 -22.28 34.05
CA THR A 272 6.90 -21.58 35.08
C THR A 272 8.03 -20.81 34.38
N PHE A 273 8.09 -19.52 34.65
CA PHE A 273 9.09 -18.61 34.09
C PHE A 273 10.32 -18.63 35.00
N GLU A 274 11.45 -18.21 34.46
CA GLU A 274 12.71 -18.02 35.22
C GLU A 274 12.44 -17.10 36.42
N SER A 275 11.58 -16.10 36.29
CA SER A 275 11.24 -15.14 37.37
C SER A 275 10.50 -15.81 38.54
N GLY A 276 10.00 -17.04 38.37
CA GLY A 276 9.12 -17.71 39.33
C GLY A 276 7.66 -17.49 38.99
N LYS A 277 7.34 -16.56 38.08
CA LYS A 277 5.93 -16.35 37.67
C LYS A 277 5.40 -17.64 37.06
N THR A 278 4.08 -17.84 37.11
CA THR A 278 3.42 -18.97 36.41
C THR A 278 2.27 -18.45 35.53
N LEU A 279 1.94 -19.23 34.52
CA LEU A 279 0.80 -18.94 33.63
C LEU A 279 0.29 -20.28 33.11
N ASP A 280 -1.02 -20.45 33.16
CA ASP A 280 -1.71 -21.61 32.54
C ASP A 280 -2.24 -21.16 31.17
N VAL A 281 -1.96 -21.96 30.14
CA VAL A 281 -2.40 -21.70 28.75
C VAL A 281 -2.77 -23.04 28.14
N ASP A 282 -3.43 -22.98 26.99
CA ASP A 282 -3.79 -24.20 26.25
C ASP A 282 -2.70 -24.56 25.29
N VAL A 283 -1.95 -23.55 24.80
CA VAL A 283 -0.88 -23.76 23.79
C VAL A 283 0.32 -22.89 24.18
N VAL A 284 1.49 -23.49 24.09
CA VAL A 284 2.79 -22.78 24.20
C VAL A 284 3.47 -22.89 22.85
N MET A 285 3.58 -21.76 22.15
CA MET A 285 4.22 -21.74 20.82
C MET A 285 5.56 -21.07 20.93
N MET A 286 6.59 -21.87 20.69
CA MET A 286 7.99 -21.40 20.78
C MET A 286 8.35 -20.78 19.44
N ALA A 287 8.80 -19.53 19.46
CA ALA A 287 9.25 -18.79 18.25
C ALA A 287 10.48 -17.96 18.62
N ILE A 288 11.50 -18.62 19.15
CA ILE A 288 12.71 -17.95 19.72
C ILE A 288 13.84 -17.97 18.69
N GLY A 289 13.65 -18.61 17.54
CA GLY A 289 14.70 -18.65 16.52
C GLY A 289 14.51 -19.78 15.56
N ARG A 290 15.14 -19.64 14.41
CA ARG A 290 15.26 -20.72 13.42
C ARG A 290 16.74 -20.96 13.17
N ILE A 291 17.10 -22.21 12.96
CA ILE A 291 18.52 -22.62 12.80
C ILE A 291 18.68 -23.35 11.48
N PRO A 292 19.82 -23.13 10.79
CA PRO A 292 20.04 -23.73 9.49
C PRO A 292 19.98 -25.28 9.60
N ARG A 293 19.46 -25.89 8.54
CA ARG A 293 19.32 -27.36 8.39
C ARG A 293 20.52 -27.93 7.65
N THR A 294 21.62 -28.08 8.38
CA THR A 294 22.93 -28.56 7.87
C THR A 294 23.21 -30.02 8.29
N ASN A 295 22.80 -30.42 9.50
CA ASN A 295 23.02 -31.78 10.05
C ASN A 295 22.80 -32.84 8.98
N ASP A 296 21.64 -32.81 8.35
CA ASP A 296 21.14 -33.95 7.54
C ASP A 296 21.94 -34.05 6.24
N LEU A 297 22.69 -33.02 5.87
CA LEU A 297 23.37 -33.01 4.55
C LEU A 297 24.70 -33.80 4.64
N GLN A 298 25.13 -34.13 5.87
CA GLN A 298 26.37 -34.90 6.15
C GLN A 298 27.53 -34.11 5.55
N LEU A 299 27.75 -32.89 6.04
CA LEU A 299 28.71 -31.93 5.43
C LEU A 299 30.13 -32.33 5.79
N GLY A 300 30.29 -33.10 6.89
CA GLY A 300 31.57 -33.67 7.33
C GLY A 300 32.20 -34.50 6.23
N ASN A 301 31.36 -35.09 5.38
CA ASN A 301 31.76 -36.03 4.30
C ASN A 301 32.60 -35.36 3.21
N VAL A 302 32.35 -34.08 2.88
CA VAL A 302 33.12 -33.38 1.81
C VAL A 302 33.83 -32.15 2.41
N GLY A 303 33.69 -31.91 3.71
CA GLY A 303 34.31 -30.77 4.41
C GLY A 303 33.76 -29.46 3.89
N VAL A 304 32.46 -29.23 4.02
CA VAL A 304 31.86 -27.87 3.76
C VAL A 304 31.95 -27.11 5.07
N LYS A 305 32.53 -25.92 5.04
CA LYS A 305 32.74 -25.13 6.27
C LYS A 305 31.43 -24.48 6.72
N LEU A 306 31.19 -24.52 8.04
CA LEU A 306 30.08 -23.89 8.78
C LEU A 306 30.65 -22.75 9.62
N THR A 307 29.79 -21.86 10.11
CA THR A 307 30.14 -20.61 10.84
C THR A 307 30.07 -20.85 12.35
N PRO A 308 30.66 -19.95 13.16
CA PRO A 308 30.48 -20.00 14.61
C PRO A 308 29.01 -19.93 15.08
N LYS A 309 28.05 -19.76 14.16
CA LYS A 309 26.59 -19.78 14.47
C LYS A 309 25.90 -21.02 13.86
N GLY A 310 26.54 -21.75 12.95
CA GLY A 310 25.98 -22.99 12.37
C GLY A 310 25.62 -22.89 10.87
N GLY A 311 25.50 -21.68 10.31
CA GLY A 311 25.21 -21.51 8.86
C GLY A 311 26.38 -21.91 7.98
N VAL A 312 26.10 -22.40 6.77
CA VAL A 312 27.12 -22.71 5.73
C VAL A 312 27.84 -21.40 5.42
N GLN A 313 29.17 -21.39 5.51
CA GLN A 313 29.99 -20.21 5.11
C GLN A 313 29.88 -20.06 3.60
N VAL A 314 29.60 -18.83 3.16
CA VAL A 314 29.55 -18.51 1.71
C VAL A 314 30.29 -17.20 1.52
N ASP A 315 30.81 -17.01 0.31
CA ASP A 315 31.34 -15.72 -0.19
C ASP A 315 30.18 -14.97 -0.86
N GLU A 316 30.46 -13.82 -1.46
CA GLU A 316 29.40 -12.95 -2.05
C GLU A 316 28.72 -13.61 -3.23
N PHE A 317 29.34 -14.67 -3.80
CA PHE A 317 28.79 -15.46 -4.92
C PHE A 317 28.19 -16.79 -4.43
N SER A 318 27.91 -16.93 -3.14
CA SER A 318 27.18 -18.10 -2.56
C SER A 318 28.09 -19.33 -2.64
N ARG A 319 29.38 -19.13 -2.86
CA ARG A 319 30.34 -20.26 -3.00
C ARG A 319 30.79 -20.68 -1.61
N THR A 320 30.77 -21.98 -1.34
CA THR A 320 31.37 -22.58 -0.13
C THR A 320 32.88 -22.70 -0.40
N ASN A 321 33.59 -23.28 0.55
CA ASN A 321 35.04 -23.59 0.45
C ASN A 321 35.27 -24.69 -0.62
N VAL A 322 34.23 -25.39 -1.07
CA VAL A 322 34.35 -26.54 -1.99
C VAL A 322 33.87 -26.11 -3.37
N PRO A 323 34.76 -26.07 -4.38
CA PRO A 323 34.35 -25.68 -5.73
C PRO A 323 33.15 -26.55 -6.15
N ASN A 324 32.27 -26.02 -6.99
CA ASN A 324 31.07 -26.72 -7.53
C ASN A 324 29.95 -26.82 -6.47
N ILE A 325 30.22 -26.51 -5.19
CA ILE A 325 29.21 -26.52 -4.09
C ILE A 325 28.92 -25.11 -3.60
N TYR A 326 27.64 -24.73 -3.65
CA TYR A 326 27.09 -23.39 -3.31
C TYR A 326 26.01 -23.55 -2.26
N ALA A 327 25.70 -22.47 -1.55
CA ALA A 327 24.62 -22.45 -0.53
C ALA A 327 23.90 -21.11 -0.59
N ILE A 328 22.57 -21.14 -0.62
CA ILE A 328 21.73 -19.91 -0.60
C ILE A 328 20.65 -20.03 0.47
N GLY A 329 20.04 -18.90 0.79
CA GLY A 329 18.84 -18.86 1.64
C GLY A 329 19.18 -19.11 3.08
N ASP A 330 18.21 -19.61 3.82
CA ASP A 330 18.25 -19.64 5.30
C ASP A 330 19.43 -20.51 5.76
N ILE A 331 19.93 -21.46 4.98
CA ILE A 331 21.04 -22.34 5.44
C ILE A 331 22.27 -21.46 5.68
N THR A 332 22.34 -20.29 5.03
CA THR A 332 23.49 -19.38 5.20
C THR A 332 23.32 -18.53 6.47
N ASP A 333 22.16 -18.57 7.11
CA ASP A 333 21.92 -17.95 8.44
C ASP A 333 22.24 -16.47 8.40
N ARG A 334 21.74 -15.76 7.39
CA ARG A 334 21.89 -14.29 7.31
C ARG A 334 20.47 -13.70 7.36
N LEU A 335 19.99 -13.09 6.29
CA LEU A 335 18.61 -12.55 6.22
CA LEU A 335 18.61 -12.56 6.28
C LEU A 335 17.69 -13.71 5.86
N MET A 336 16.79 -14.11 6.74
CA MET A 336 15.95 -15.31 6.47
C MET A 336 14.66 -14.80 5.83
N LEU A 337 14.74 -14.49 4.55
CA LEU A 337 13.60 -13.96 3.78
C LEU A 337 13.55 -14.72 2.47
N THR A 338 12.34 -14.94 1.98
CA THR A 338 12.09 -15.68 0.74
C THR A 338 12.68 -14.90 -0.45
N PRO A 339 12.40 -13.60 -0.65
CA PRO A 339 12.93 -12.90 -1.82
C PRO A 339 14.46 -12.78 -1.84
N VAL A 340 15.08 -12.82 -0.67
CA VAL A 340 16.56 -12.86 -0.64
C VAL A 340 17.03 -14.21 -1.18
N ALA A 341 16.50 -15.32 -0.67
CA ALA A 341 16.80 -16.69 -1.16
C ALA A 341 16.62 -16.70 -2.67
N ILE A 342 15.52 -16.15 -3.17
CA ILE A 342 15.21 -16.19 -4.62
C ILE A 342 16.29 -15.38 -5.33
N ASN A 343 16.60 -14.20 -4.81
CA ASN A 343 17.59 -13.33 -5.46
C ASN A 343 18.92 -14.08 -5.55
N GLU A 344 19.31 -14.73 -4.49
CA GLU A 344 20.61 -15.41 -4.41
C GLU A 344 20.66 -16.56 -5.42
N GLY A 345 19.58 -17.33 -5.47
CA GLY A 345 19.47 -18.44 -6.42
C GLY A 345 19.57 -17.96 -7.85
N ALA A 346 18.84 -16.90 -8.20
CA ALA A 346 18.85 -16.29 -9.56
C ALA A 346 20.28 -15.81 -9.90
N ALA A 347 20.95 -15.17 -8.95
CA ALA A 347 22.31 -14.60 -9.18
C ALA A 347 23.29 -15.75 -9.39
N LEU A 348 23.20 -16.77 -8.55
CA LEU A 348 24.08 -17.96 -8.63
C LEU A 348 23.99 -18.54 -10.03
N VAL A 349 22.78 -18.74 -10.54
CA VAL A 349 22.60 -19.41 -11.87
C VAL A 349 23.07 -18.47 -12.97
N ASP A 350 22.79 -17.17 -12.85
CA ASP A 350 23.25 -16.16 -13.85
C ASP A 350 24.78 -16.16 -13.88
N THR A 351 25.42 -16.33 -12.74
CA THR A 351 26.88 -16.36 -12.62
C THR A 351 27.37 -17.65 -13.26
N VAL A 352 27.02 -18.79 -12.66
CA VAL A 352 27.64 -20.11 -12.98
C VAL A 352 27.25 -20.54 -14.40
N PHE A 353 25.97 -20.46 -14.77
CA PHE A 353 25.48 -21.04 -16.04
C PHE A 353 25.28 -19.95 -17.10
N GLY A 354 25.00 -18.72 -16.70
CA GLY A 354 24.74 -17.62 -17.64
C GLY A 354 25.98 -16.81 -17.98
N ASN A 355 27.13 -17.07 -17.32
CA ASN A 355 28.36 -16.27 -17.60
C ASN A 355 28.07 -14.78 -17.40
N LYS A 356 27.22 -14.44 -16.44
CA LYS A 356 26.85 -13.03 -16.15
C LYS A 356 26.95 -12.89 -14.64
N PRO A 357 28.18 -12.75 -14.08
CA PRO A 357 28.34 -12.80 -12.64
C PRO A 357 27.54 -11.66 -11.99
N ARG A 358 26.86 -12.02 -10.92
CA ARG A 358 26.00 -11.09 -10.15
C ARG A 358 25.97 -11.57 -8.71
N LYS A 359 26.05 -10.59 -7.79
CA LYS A 359 26.06 -10.83 -6.32
C LYS A 359 24.80 -10.18 -5.77
N THR A 360 24.10 -10.91 -4.91
CA THR A 360 22.94 -10.36 -4.20
C THR A 360 23.42 -9.21 -3.31
N ASP A 361 22.68 -8.13 -3.34
CA ASP A 361 22.83 -6.96 -2.44
C ASP A 361 22.02 -7.24 -1.17
N HIS A 362 22.67 -7.42 -0.03
CA HIS A 362 21.95 -7.74 1.23
C HIS A 362 21.66 -6.44 1.96
N THR A 363 21.99 -5.28 1.37
CA THR A 363 21.65 -3.93 1.92
C THR A 363 20.33 -3.43 1.32
N ARG A 364 19.61 -2.62 2.07
CA ARG A 364 18.47 -1.86 1.49
C ARG A 364 17.42 -2.86 1.02
N VAL A 365 17.21 -3.94 1.80
CA VAL A 365 16.21 -4.98 1.50
C VAL A 365 14.91 -4.58 2.17
N ALA A 366 13.89 -4.34 1.37
CA ALA A 366 12.55 -4.09 1.92
C ALA A 366 12.04 -5.38 2.56
N SER A 367 11.36 -5.25 3.70
CA SER A 367 10.75 -6.39 4.40
C SER A 367 9.60 -5.89 5.24
N ALA A 368 8.82 -6.84 5.75
CA ALA A 368 7.62 -6.48 6.49
C ALA A 368 7.46 -7.42 7.68
N VAL A 369 6.65 -6.95 8.60
CA VAL A 369 6.04 -7.76 9.67
C VAL A 369 4.52 -7.60 9.53
N PHE A 370 3.84 -8.72 9.30
CA PHE A 370 2.35 -8.71 9.22
C PHE A 370 1.77 -8.83 10.62
N SER A 371 2.30 -7.96 11.46
CA SER A 371 1.69 -7.58 12.74
C SER A 371 0.40 -6.86 12.41
N ILE A 372 -0.47 -6.75 13.39
CA ILE A 372 -1.67 -5.91 13.26
C ILE A 372 -1.51 -4.77 14.26
N PRO A 373 -1.27 -3.53 13.77
CA PRO A 373 -1.09 -3.22 12.35
C PRO A 373 0.34 -3.56 11.92
N PRO A 374 0.62 -3.57 10.59
CA PRO A 374 1.88 -4.14 10.10
C PRO A 374 3.03 -3.13 9.99
N ILE A 375 4.22 -3.67 9.82
CA ILE A 375 5.48 -2.92 9.66
C ILE A 375 5.95 -3.09 8.24
N GLY A 376 6.51 -2.02 7.67
CA GLY A 376 7.26 -2.07 6.41
C GLY A 376 8.54 -1.31 6.58
N THR A 377 9.67 -1.87 6.18
CA THR A 377 10.99 -1.28 6.51
C THR A 377 11.97 -1.58 5.40
N CYS A 378 12.89 -0.65 5.16
CA CYS A 378 13.97 -0.85 4.17
C CYS A 378 15.18 -0.06 4.68
N GLY A 379 16.34 -0.70 4.70
CA GLY A 379 17.60 -0.03 5.08
C GLY A 379 17.76 0.13 6.56
N LEU A 380 18.59 1.11 6.95
CA LEU A 380 19.21 1.13 8.28
C LEU A 380 18.27 1.78 9.28
N ILE A 381 18.26 1.23 10.48
CA ILE A 381 17.66 1.95 11.64
C ILE A 381 18.69 2.99 12.10
N GLU A 382 18.22 4.05 12.74
CA GLU A 382 19.05 5.25 13.00
C GLU A 382 20.26 4.92 13.88
N GLU A 383 20.13 4.01 14.84
CA GLU A 383 21.22 3.68 15.81
C GLU A 383 22.36 3.05 15.03
N VAL A 384 22.04 2.28 14.00
CA VAL A 384 23.03 1.64 13.11
C VAL A 384 23.64 2.70 12.17
N ALA A 385 22.83 3.56 11.56
CA ALA A 385 23.29 4.68 10.70
C ALA A 385 24.28 5.56 11.49
N ALA A 386 23.93 5.85 12.75
CA ALA A 386 24.60 6.83 13.64
C ALA A 386 26.04 6.38 13.94
N LYS A 387 26.27 5.07 13.92
CA LYS A 387 27.63 4.48 14.13
C LYS A 387 28.45 4.54 12.84
N GLU A 388 27.81 4.59 11.66
CA GLU A 388 28.49 4.54 10.35
C GLU A 388 28.76 5.94 9.80
N PHE A 389 27.87 6.89 10.09
CA PHE A 389 27.83 8.22 9.45
C PHE A 389 28.01 9.29 10.52
N GLU A 390 28.79 10.33 10.20
CA GLU A 390 29.12 11.43 11.14
CA GLU A 390 29.13 11.44 11.14
C GLU A 390 27.83 12.15 11.53
N LYS A 391 26.99 12.47 10.55
CA LYS A 391 25.74 13.22 10.78
C LYS A 391 24.56 12.49 10.14
N VAL A 392 23.61 12.09 10.98
CA VAL A 392 22.38 11.36 10.57
C VAL A 392 21.21 12.25 10.95
N ALA A 393 20.26 12.43 10.04
CA ALA A 393 18.99 13.15 10.30
C ALA A 393 17.88 12.11 10.37
N VAL A 394 16.95 12.33 11.29
CA VAL A 394 15.71 11.52 11.37
C VAL A 394 14.52 12.42 11.13
N TYR A 395 13.71 12.05 10.15
CA TYR A 395 12.45 12.71 9.79
C TYR A 395 11.35 11.77 10.29
N MET A 396 10.41 12.27 11.08
CA MET A 396 9.40 11.40 11.69
C MET A 396 8.02 12.07 11.60
N SER A 397 7.02 11.28 11.17
CA SER A 397 5.58 11.61 11.21
C SER A 397 4.89 10.47 11.93
N SER A 398 4.13 10.75 12.99
CA SER A 398 3.47 9.73 13.83
C SER A 398 2.15 10.31 14.35
N PHE A 399 1.04 9.85 13.80
CA PHE A 399 -0.27 10.37 14.21
C PHE A 399 -1.28 9.30 13.84
N THR A 400 -2.40 9.28 14.54
CA THR A 400 -3.53 8.43 14.14
C THR A 400 -4.20 9.03 12.92
N PRO A 401 -4.31 8.30 11.79
CA PRO A 401 -5.04 8.77 10.61
C PRO A 401 -6.51 9.02 10.97
N LEU A 402 -7.09 9.97 10.27
CA LEU A 402 -8.49 10.39 10.44
C LEU A 402 -9.37 9.16 10.42
N MET A 403 -9.15 8.20 9.53
CA MET A 403 -10.16 7.12 9.47
C MET A 403 -10.19 6.30 10.77
N HIS A 404 -9.10 6.22 11.51
CA HIS A 404 -9.06 5.41 12.77
C HIS A 404 -9.58 6.26 13.92
N ASN A 405 -9.63 7.57 13.78
CA ASN A 405 -10.40 8.44 14.71
C ASN A 405 -11.89 8.14 14.50
N ILE A 406 -12.34 7.86 13.28
CA ILE A 406 -13.75 7.45 13.06
C ILE A 406 -13.98 5.96 13.42
N SER A 407 -13.06 5.07 13.06
CA SER A 407 -13.18 3.62 13.33
C SER A 407 -13.29 3.34 14.83
N GLY A 408 -12.70 4.19 15.67
CA GLY A 408 -12.62 4.02 17.14
C GLY A 408 -11.31 3.37 17.55
N SER A 409 -10.46 2.98 16.58
CA SER A 409 -9.09 2.47 16.88
C SER A 409 -8.10 3.64 17.02
N LYS A 410 -8.26 4.51 18.02
CA LYS A 410 -7.48 5.78 18.07
C LYS A 410 -6.01 5.50 18.36
N TYR A 411 -5.74 4.31 18.90
CA TYR A 411 -4.39 3.83 19.22
C TYR A 411 -3.60 3.54 17.92
N LYS A 412 -4.23 3.48 16.75
CA LYS A 412 -3.51 3.06 15.50
C LYS A 412 -2.75 4.25 14.91
N LYS A 413 -1.71 4.62 15.58
CA LYS A 413 -0.80 5.68 15.07
C LYS A 413 -0.06 5.09 13.87
N PHE A 414 -0.10 5.81 12.75
CA PHE A 414 0.73 5.53 11.57
C PHE A 414 2.09 6.19 11.78
N VAL A 415 3.15 5.39 11.74
CA VAL A 415 4.51 5.93 11.98
C VAL A 415 5.28 5.88 10.65
N ALA A 416 5.85 7.02 10.24
CA ALA A 416 6.68 7.06 9.03
C ALA A 416 8.00 7.74 9.41
N LYS A 417 9.11 7.02 9.28
CA LYS A 417 10.44 7.60 9.61
C LYS A 417 11.38 7.42 8.45
N ILE A 418 12.11 8.49 8.15
CA ILE A 418 13.20 8.44 7.15
C ILE A 418 14.48 8.78 7.89
N VAL A 419 15.50 7.97 7.64
CA VAL A 419 16.83 8.17 8.23
C VAL A 419 17.78 8.52 7.08
N THR A 420 18.51 9.65 7.20
CA THR A 420 19.41 10.09 6.11
C THR A 420 20.84 10.23 6.61
N ASN A 421 21.76 10.13 5.67
CA ASN A 421 23.13 10.72 5.80
C ASN A 421 22.93 12.22 5.67
N HIS A 422 23.03 12.98 6.76
CA HIS A 422 22.71 14.43 6.70
C HIS A 422 23.75 15.18 5.86
N SER A 423 24.94 14.61 5.60
CA SER A 423 25.98 15.33 4.81
C SER A 423 25.56 15.46 3.35
N ASP A 424 24.76 14.55 2.80
CA ASP A 424 24.36 14.66 1.39
C ASP A 424 22.86 14.38 1.18
N GLY A 425 22.10 14.11 2.25
CA GLY A 425 20.65 13.86 2.16
C GLY A 425 20.27 12.43 1.77
N THR A 426 21.25 11.54 1.55
CA THR A 426 21.02 10.20 1.01
C THR A 426 20.14 9.44 2.02
N VAL A 427 19.06 8.85 1.53
CA VAL A 427 18.14 8.09 2.42
C VAL A 427 18.81 6.76 2.75
N LEU A 428 18.98 6.53 4.04
CA LEU A 428 19.68 5.34 4.55
C LEU A 428 18.68 4.28 4.97
N GLY A 429 17.50 4.69 5.43
CA GLY A 429 16.43 3.76 5.83
C GLY A 429 15.09 4.45 5.92
N VAL A 430 14.04 3.66 5.75
CA VAL A 430 12.61 4.12 5.80
C VAL A 430 11.90 3.07 6.62
N HIS A 431 11.16 3.51 7.65
CA HIS A 431 10.53 2.61 8.64
C HIS A 431 9.09 3.05 8.83
N LEU A 432 8.14 2.15 8.53
CA LEU A 432 6.69 2.46 8.56
C LEU A 432 5.96 1.51 9.50
N LEU A 433 5.01 2.03 10.23
CA LEU A 433 4.05 1.21 11.00
C LEU A 433 2.65 1.70 10.69
N GLY A 434 1.80 0.79 10.24
CA GLY A 434 0.39 1.13 9.99
C GLY A 434 -0.15 0.39 8.81
N ASP A 435 -1.47 0.44 8.64
CA ASP A 435 -2.16 -0.27 7.54
C ASP A 435 -1.51 0.13 6.21
N GLY A 436 -1.15 -0.86 5.41
CA GLY A 436 -0.59 -0.60 4.08
C GLY A 436 0.93 -0.51 4.09
N ALA A 437 1.61 -0.47 5.27
CA ALA A 437 3.07 -0.29 5.34
C ALA A 437 3.79 -1.30 4.48
N PRO A 438 3.44 -2.61 4.42
CA PRO A 438 4.20 -3.52 3.58
C PRO A 438 4.11 -3.20 2.07
N GLU A 439 2.95 -2.68 1.65
CA GLU A 439 2.70 -2.32 0.25
C GLU A 439 3.45 -1.03 -0.07
N ILE A 440 3.43 -0.10 0.87
CA ILE A 440 4.10 1.22 0.69
C ILE A 440 5.59 1.01 0.48
N ILE A 441 6.19 0.11 1.25
CA ILE A 441 7.67 0.04 1.33
C ILE A 441 8.28 -0.53 0.05
N GLN A 442 7.56 -1.31 -0.75
CA GLN A 442 8.24 -2.01 -1.86
C GLN A 442 8.93 -0.97 -2.76
N ALA A 443 8.21 0.03 -3.26
CA ALA A 443 8.80 1.01 -4.21
C ALA A 443 9.81 1.89 -3.48
N VAL A 444 9.75 2.01 -2.16
CA VAL A 444 10.87 2.63 -1.37
C VAL A 444 12.16 1.82 -1.55
N GLY A 445 12.09 0.49 -1.61
CA GLY A 445 13.25 -0.34 -1.90
C GLY A 445 13.88 0.07 -3.22
N VAL A 446 13.07 0.38 -4.20
CA VAL A 446 13.61 0.80 -5.53
C VAL A 446 14.27 2.18 -5.34
N CYS A 447 13.63 3.05 -4.58
CA CYS A 447 14.13 4.42 -4.32
C CYS A 447 15.54 4.30 -3.71
N LEU A 448 15.75 3.39 -2.75
CA LEU A 448 17.07 3.31 -2.08
C LEU A 448 18.11 2.72 -3.05
N ARG A 449 17.72 1.75 -3.87
CA ARG A 449 18.63 1.22 -4.93
CA ARG A 449 18.61 1.22 -4.93
C ARG A 449 19.08 2.40 -5.80
N LEU A 450 18.20 3.39 -6.02
CA LEU A 450 18.50 4.59 -6.86
C LEU A 450 19.22 5.68 -6.07
N ASN A 451 19.65 5.41 -4.84
CA ASN A 451 20.32 6.39 -3.92
C ASN A 451 19.47 7.65 -3.75
N ALA A 452 18.18 7.48 -3.60
CA ALA A 452 17.28 8.63 -3.39
C ALA A 452 17.77 9.45 -2.20
N LYS A 453 17.60 10.75 -2.27
CA LYS A 453 17.81 11.67 -1.13
C LYS A 453 16.45 12.08 -0.60
N ILE A 454 16.44 12.63 0.61
CA ILE A 454 15.22 13.20 1.25
C ILE A 454 14.58 14.23 0.31
N SER A 455 15.36 15.00 -0.47
CA SER A 455 14.78 16.01 -1.39
C SER A 455 14.06 15.32 -2.57
N ASP A 456 14.50 14.14 -2.97
CA ASP A 456 13.78 13.34 -4.01
C ASP A 456 12.39 12.96 -3.50
N PHE A 457 12.27 12.61 -2.23
CA PHE A 457 10.95 12.33 -1.61
C PHE A 457 10.13 13.62 -1.50
N TYR A 458 10.67 14.67 -0.89
CA TYR A 458 9.82 15.84 -0.58
C TYR A 458 9.52 16.61 -1.87
N ASN A 459 10.32 16.49 -2.93
CA ASN A 459 10.02 17.18 -4.22
C ASN A 459 9.03 16.34 -5.05
N THR A 460 8.72 15.11 -4.66
CA THR A 460 7.73 14.28 -5.41
C THR A 460 6.35 14.70 -4.96
N ILE A 461 5.41 14.83 -5.88
CA ILE A 461 4.03 15.23 -5.54
C ILE A 461 3.29 14.07 -4.86
N GLY A 462 2.60 14.38 -3.78
CA GLY A 462 1.83 13.38 -3.02
C GLY A 462 0.68 12.82 -3.82
N VAL A 463 0.30 11.57 -3.52
CA VAL A 463 -1.03 10.97 -3.80
C VAL A 463 -1.90 11.21 -2.58
N HIS A 464 -3.07 11.81 -2.79
CA HIS A 464 -3.89 12.30 -1.65
C HIS A 464 -5.31 11.77 -1.84
N PRO A 465 -5.97 11.31 -0.76
CA PRO A 465 -5.35 11.08 0.54
C PRO A 465 -4.85 9.64 0.67
N THR A 466 -3.62 9.49 1.16
CA THR A 466 -2.97 8.19 1.47
C THR A 466 -2.13 8.37 2.72
N SER A 467 -1.75 7.26 3.34
CA SER A 467 -0.68 7.29 4.36
C SER A 467 0.67 7.54 3.70
N ALA A 468 0.88 6.94 2.53
CA ALA A 468 2.16 6.97 1.79
C ALA A 468 2.63 8.40 1.56
N GLU A 469 1.70 9.34 1.34
CA GLU A 469 2.09 10.73 0.99
C GLU A 469 2.83 11.36 2.15
N GLU A 470 2.70 10.84 3.37
CA GLU A 470 3.51 11.35 4.51
C GLU A 470 5.00 11.32 4.13
N LEU A 471 5.43 10.32 3.38
CA LEU A 471 6.86 10.18 3.00
C LEU A 471 7.34 11.34 2.11
N CYS A 472 6.43 12.05 1.47
CA CYS A 472 6.75 13.15 0.52
C CYS A 472 6.46 14.51 1.19
N SER A 473 6.18 14.52 2.51
CA SER A 473 5.77 15.75 3.26
C SER A 473 6.82 16.13 4.31
N MET A 474 7.96 15.44 4.38
CA MET A 474 8.91 15.60 5.50
C MET A 474 10.16 16.30 5.01
N ARG A 475 10.29 17.57 5.41
CA ARG A 475 11.28 18.54 4.88
C ARG A 475 12.35 18.83 5.94
N THR A 476 11.95 18.76 7.19
CA THR A 476 12.74 19.25 8.33
C THR A 476 12.98 18.08 9.26
N PRO A 477 14.25 17.74 9.56
CA PRO A 477 14.60 16.73 10.56
C PRO A 477 13.91 16.97 11.90
N SER A 478 13.44 15.88 12.52
CA SER A 478 12.90 15.86 13.89
C SER A 478 14.06 15.90 14.86
N TYR A 479 15.16 15.25 14.51
CA TYR A 479 16.39 15.27 15.32
C TYR A 479 17.51 14.66 14.51
N TYR A 480 18.69 14.60 15.12
CA TYR A 480 19.94 14.21 14.45
C TYR A 480 20.69 13.24 15.36
N TYR A 481 21.66 12.57 14.77
CA TYR A 481 22.81 11.97 15.49
C TYR A 481 24.06 12.63 14.93
N VAL A 482 24.92 13.18 15.82
CA VAL A 482 26.22 13.76 15.40
C VAL A 482 27.32 13.00 16.15
N LYS A 483 28.22 12.37 15.42
CA LYS A 483 29.22 11.40 15.96
C LYS A 483 28.54 10.47 16.97
N GLY A 484 27.38 9.94 16.63
CA GLY A 484 26.74 8.88 17.42
C GLY A 484 25.82 9.43 18.49
N GLU A 485 25.79 10.73 18.70
CA GLU A 485 25.08 11.38 19.82
C GLU A 485 23.74 11.95 19.34
N LYS A 486 22.65 11.59 19.98
CA LYS A 486 21.33 12.13 19.61
C LYS A 486 21.24 13.57 20.12
N MET A 487 20.73 14.46 19.29
CA MET A 487 20.43 15.86 19.67
C MET A 487 19.32 16.40 18.78
N GLU A 488 18.47 17.25 19.34
CA GLU A 488 17.37 17.92 18.62
C GLU A 488 17.94 18.74 17.47
N LYS A 489 19.04 19.45 17.70
CA LYS A 489 19.56 20.49 16.77
C LYS A 489 21.02 20.20 16.45
N LEU A 490 21.48 20.60 15.28
CA LEU A 490 22.93 20.52 14.94
C LEU A 490 23.69 21.63 15.69
N PRO A 491 24.96 21.40 16.05
CA PRO A 491 25.94 22.48 16.21
C PRO A 491 26.04 23.39 14.99
N LYS B 6 -7.17 48.27 3.07
CA LYS B 6 -6.10 47.54 3.81
C LYS B 6 -5.08 47.00 2.80
N ALA B 7 -3.79 47.03 3.12
CA ALA B 7 -2.70 46.79 2.16
C ALA B 7 -2.04 45.45 2.46
N PHE B 8 -1.80 44.62 1.43
CA PHE B 8 -1.16 43.28 1.60
C PHE B 8 -0.05 43.11 0.55
N ASP B 9 0.98 42.32 0.88
CA ASP B 9 1.97 41.86 -0.11
C ASP B 9 1.27 40.91 -1.09
N LEU B 10 0.36 40.09 -0.56
CA LEU B 10 -0.34 39.05 -1.37
C LEU B 10 -1.80 38.97 -0.95
N VAL B 11 -2.71 39.01 -1.91
CA VAL B 11 -4.12 38.66 -1.66
C VAL B 11 -4.41 37.39 -2.43
N VAL B 12 -4.91 36.39 -1.71
CA VAL B 12 -5.29 35.08 -2.31
C VAL B 12 -6.82 35.01 -2.37
N ILE B 13 -7.35 34.82 -3.56
CA ILE B 13 -8.81 34.59 -3.67
C ILE B 13 -9.03 33.08 -3.79
N GLY B 14 -9.58 32.50 -2.74
CA GLY B 14 -9.82 31.06 -2.61
C GLY B 14 -8.93 30.43 -1.55
N ALA B 15 -9.53 30.04 -0.44
CA ALA B 15 -8.82 29.50 0.74
C ALA B 15 -8.84 27.97 0.62
N GLY B 16 -8.29 27.48 -0.49
CA GLY B 16 -8.35 26.04 -0.80
C GLY B 16 -6.96 25.44 -0.84
N SER B 17 -6.82 24.26 -1.46
CA SER B 17 -5.55 23.49 -1.41
C SER B 17 -4.40 24.43 -1.79
N GLY B 18 -4.53 25.06 -2.95
CA GLY B 18 -3.44 25.84 -3.52
C GLY B 18 -3.32 27.18 -2.83
N GLY B 19 -4.47 27.81 -2.59
CA GLY B 19 -4.54 29.14 -1.96
C GLY B 19 -3.94 29.12 -0.56
N LEU B 20 -4.22 28.09 0.23
CA LEU B 20 -3.69 28.07 1.62
C LEU B 20 -2.21 27.74 1.63
N GLU B 21 -1.75 26.88 0.73
CA GLU B 21 -0.31 26.60 0.65
C GLU B 21 0.42 27.91 0.31
N ALA B 22 -0.02 28.63 -0.72
CA ALA B 22 0.67 29.88 -1.13
C ALA B 22 0.60 30.90 0.01
N GLY B 23 -0.56 31.09 0.62
CA GLY B 23 -0.77 32.12 1.65
C GLY B 23 0.10 31.87 2.87
N TRP B 24 0.10 30.63 3.32
CA TRP B 24 0.82 30.20 4.55
C TRP B 24 2.33 30.26 4.27
N ASN B 25 2.75 29.80 3.11
CA ASN B 25 4.19 29.85 2.77
C ASN B 25 4.66 31.32 2.67
N ALA B 26 3.89 32.17 2.02
CA ALA B 26 4.28 33.59 1.82
C ALA B 26 4.35 34.24 3.20
N ALA B 27 3.35 34.00 4.06
CA ALA B 27 3.27 34.61 5.40
C ALA B 27 4.40 34.09 6.30
N THR B 28 4.69 32.79 6.29
CA THR B 28 5.54 32.16 7.33
C THR B 28 6.95 32.01 6.80
N LEU B 29 7.13 31.50 5.58
CA LEU B 29 8.50 31.30 5.05
C LEU B 29 9.07 32.67 4.67
N TYR B 30 8.28 33.58 4.12
CA TYR B 30 8.89 34.82 3.54
C TYR B 30 8.42 36.06 4.29
N GLY B 31 7.76 35.92 5.43
CA GLY B 31 7.36 37.03 6.31
C GLY B 31 6.50 38.07 5.58
N LYS B 32 5.68 37.67 4.61
CA LYS B 32 4.79 38.61 3.87
C LYS B 32 3.46 38.81 4.61
N ARG B 33 2.84 39.96 4.37
CA ARG B 33 1.49 40.30 4.89
C ARG B 33 0.50 39.76 3.86
N VAL B 34 -0.36 38.81 4.27
CA VAL B 34 -1.16 37.97 3.35
C VAL B 34 -2.62 38.07 3.74
N ALA B 35 -3.49 38.30 2.77
CA ALA B 35 -4.95 38.20 2.92
C ALA B 35 -5.43 36.99 2.11
N VAL B 36 -6.38 36.25 2.65
CA VAL B 36 -6.99 35.07 1.97
C VAL B 36 -8.50 35.19 2.08
N VAL B 37 -9.19 35.09 0.95
CA VAL B 37 -10.67 35.26 0.88
C VAL B 37 -11.33 33.93 0.56
N ASP B 38 -12.47 33.63 1.19
CA ASP B 38 -13.32 32.48 0.84
C ASP B 38 -14.74 32.83 1.26
N VAL B 39 -15.71 32.11 0.72
CA VAL B 39 -17.14 32.50 0.73
C VAL B 39 -17.85 31.92 1.94
N GLN B 40 -17.21 31.00 2.64
CA GLN B 40 -17.82 30.22 3.73
C GLN B 40 -16.72 29.73 4.68
N THR B 41 -17.02 29.66 5.98
CA THR B 41 -16.02 29.30 7.00
C THR B 41 -16.12 27.81 7.29
N SER B 42 -17.22 27.17 6.94
CA SER B 42 -17.32 25.69 7.09
C SER B 42 -18.18 25.10 6.00
N HIS B 43 -18.08 23.79 5.89
CA HIS B 43 -18.54 22.99 4.74
C HIS B 43 -20.04 23.08 4.56
N GLY B 44 -20.49 22.90 3.32
CA GLY B 44 -21.86 22.52 2.99
C GLY B 44 -22.69 23.65 2.40
N PRO B 45 -23.99 23.40 2.22
CA PRO B 45 -24.85 24.38 1.57
C PRO B 45 -24.78 25.70 2.35
N PRO B 46 -24.89 26.86 1.68
CA PRO B 46 -25.21 26.89 0.24
C PRO B 46 -24.06 26.80 -0.76
N PHE B 47 -22.80 27.08 -0.38
CA PHE B 47 -21.68 27.26 -1.36
C PHE B 47 -20.80 25.99 -1.40
N TYR B 48 -20.96 25.07 -0.45
CA TYR B 48 -20.39 23.68 -0.44
C TYR B 48 -18.91 23.72 -0.13
N ALA B 49 -18.05 24.26 -1.02
CA ALA B 49 -16.64 24.52 -0.69
C ALA B 49 -16.62 25.70 0.28
N ALA B 50 -15.49 25.86 0.94
CA ALA B 50 -15.35 26.77 2.09
C ALA B 50 -13.91 26.78 2.47
N LEU B 51 -13.62 27.51 3.53
CA LEU B 51 -12.27 27.48 4.11
C LEU B 51 -11.75 26.04 4.13
N GLY B 52 -10.60 25.83 3.49
CA GLY B 52 -9.93 24.54 3.34
C GLY B 52 -10.04 24.03 1.91
N GLY B 53 -11.02 24.52 1.15
CA GLY B 53 -11.15 24.20 -0.28
C GLY B 53 -12.07 23.03 -0.58
N THR B 54 -12.05 22.59 -1.84
CA THR B 54 -12.98 21.60 -2.39
C THR B 54 -12.63 20.25 -1.77
N CYS B 55 -11.35 19.99 -1.70
CA CYS B 55 -10.80 18.68 -1.28
C CYS B 55 -11.24 18.46 0.16
N VAL B 56 -11.03 19.45 1.02
CA VAL B 56 -11.39 19.33 2.45
C VAL B 56 -12.89 19.17 2.58
N ASN B 57 -13.65 20.01 1.88
CA ASN B 57 -15.08 20.20 2.22
C ASN B 57 -15.95 19.22 1.44
N VAL B 58 -15.75 19.11 0.13
CA VAL B 58 -16.64 18.34 -0.78
C VAL B 58 -15.75 17.64 -1.82
N GLY B 59 -14.69 17.00 -1.36
CA GLY B 59 -13.78 16.31 -2.29
C GLY B 59 -13.01 15.20 -1.64
N CYS B 60 -11.68 15.21 -1.81
CA CYS B 60 -10.83 14.06 -1.46
C CYS B 60 -11.15 13.59 -0.02
N VAL B 61 -11.18 14.51 0.94
CA VAL B 61 -11.23 14.08 2.35
C VAL B 61 -12.54 13.34 2.63
N PRO B 62 -13.73 13.96 2.45
CA PRO B 62 -14.98 13.28 2.78
C PRO B 62 -15.19 12.09 1.85
N LYS B 63 -14.81 12.21 0.58
CA LYS B 63 -15.06 11.08 -0.33
C LYS B 63 -14.23 9.89 0.15
N LYS B 64 -12.99 10.09 0.59
CA LYS B 64 -12.13 8.93 1.00
C LYS B 64 -12.73 8.23 2.23
N LEU B 65 -13.22 9.00 3.19
CA LEU B 65 -13.98 8.45 4.34
C LEU B 65 -15.16 7.64 3.84
N MET B 66 -15.92 8.13 2.86
CA MET B 66 -17.15 7.44 2.45
C MET B 66 -16.76 6.18 1.67
N VAL B 67 -15.68 6.21 0.89
CA VAL B 67 -15.24 4.98 0.18
C VAL B 67 -14.78 3.98 1.23
N THR B 68 -14.05 4.43 2.22
CA THR B 68 -13.60 3.54 3.31
C THR B 68 -14.84 2.87 3.93
N GLY B 69 -15.87 3.66 4.22
CA GLY B 69 -17.14 3.12 4.71
C GLY B 69 -17.69 2.08 3.75
N ALA B 70 -17.73 2.40 2.46
CA ALA B 70 -18.28 1.50 1.42
C ALA B 70 -17.49 0.18 1.38
N GLN B 71 -16.18 0.22 1.58
CA GLN B 71 -15.31 -0.97 1.55
C GLN B 71 -15.79 -2.01 2.56
N TYR B 72 -16.50 -1.61 3.61
CA TYR B 72 -16.92 -2.61 4.63
C TYR B 72 -17.95 -3.57 4.05
N MET B 73 -18.72 -3.16 3.04
CA MET B 73 -19.66 -4.12 2.41
C MET B 73 -18.85 -5.34 1.96
N ASP B 74 -17.68 -5.09 1.35
CA ASP B 74 -16.83 -6.17 0.79
C ASP B 74 -16.18 -6.91 1.97
N HIS B 75 -15.66 -6.21 2.97
CA HIS B 75 -14.96 -6.84 4.11
C HIS B 75 -15.94 -7.81 4.78
N LEU B 76 -17.16 -7.35 5.04
CA LEU B 76 -18.12 -8.20 5.79
C LEU B 76 -18.33 -9.46 4.98
N ARG B 77 -18.58 -9.34 3.67
CA ARG B 77 -18.87 -10.56 2.83
C ARG B 77 -17.61 -11.44 2.73
N GLU B 78 -16.44 -10.82 2.52
CA GLU B 78 -15.15 -11.48 2.28
C GLU B 78 -14.66 -12.21 3.56
N SER B 79 -15.08 -11.76 4.74
CA SER B 79 -14.67 -12.31 6.05
C SER B 79 -15.08 -13.79 6.12
N ALA B 80 -16.20 -14.15 5.50
CA ALA B 80 -16.74 -15.51 5.61
C ALA B 80 -15.71 -16.53 5.13
N GLY B 81 -15.00 -16.28 4.04
CA GLY B 81 -14.03 -17.22 3.46
C GLY B 81 -12.91 -17.56 4.45
N PHE B 82 -12.56 -16.60 5.33
CA PHE B 82 -11.56 -16.74 6.44
C PHE B 82 -12.20 -17.24 7.74
N GLY B 83 -13.45 -17.69 7.67
CA GLY B 83 -14.14 -18.39 8.78
C GLY B 83 -14.99 -17.48 9.63
N TRP B 84 -15.21 -16.23 9.26
CA TRP B 84 -16.01 -15.32 10.12
C TRP B 84 -17.47 -15.63 9.86
N GLU B 85 -18.24 -15.71 10.94
CA GLU B 85 -19.69 -16.01 10.96
C GLU B 85 -20.39 -14.89 11.72
N PHE B 86 -21.52 -14.45 11.20
CA PHE B 86 -22.43 -13.55 11.94
C PHE B 86 -23.74 -13.58 11.17
N ASP B 87 -24.74 -12.95 11.74
CA ASP B 87 -26.10 -13.02 11.16
C ASP B 87 -26.18 -12.01 10.01
N GLY B 88 -26.07 -12.50 8.77
CA GLY B 88 -26.02 -11.65 7.56
C GLY B 88 -27.27 -10.80 7.46
N SER B 89 -28.40 -11.35 7.90
CA SER B 89 -29.72 -10.70 7.80
C SER B 89 -29.77 -9.52 8.76
N SER B 90 -28.87 -9.44 9.75
CA SER B 90 -28.85 -8.29 10.68
C SER B 90 -28.04 -7.12 10.09
N VAL B 91 -27.36 -7.29 8.95
CA VAL B 91 -26.39 -6.26 8.47
C VAL B 91 -27.18 -5.07 7.90
N LYS B 92 -26.90 -3.86 8.36
CA LYS B 92 -27.50 -2.63 7.82
C LYS B 92 -26.36 -1.63 7.63
N ALA B 93 -26.38 -0.94 6.50
CA ALA B 93 -25.45 0.17 6.25
C ALA B 93 -26.15 1.46 6.64
N ASN B 94 -25.77 2.08 7.74
CA ASN B 94 -26.42 3.31 8.23
C ASN B 94 -25.71 4.54 7.65
N TRP B 95 -26.22 5.02 6.53
CA TRP B 95 -25.75 6.23 5.82
C TRP B 95 -25.78 7.47 6.71
N LYS B 96 -26.79 7.58 7.58
CA LYS B 96 -26.92 8.77 8.45
C LYS B 96 -25.70 8.83 9.35
N LYS B 97 -25.28 7.69 9.89
CA LYS B 97 -24.07 7.64 10.74
C LYS B 97 -22.84 8.02 9.91
N LEU B 98 -22.71 7.50 8.70
CA LEU B 98 -21.57 7.86 7.84
C LEU B 98 -21.54 9.36 7.61
N ILE B 99 -22.66 9.99 7.25
CA ILE B 99 -22.70 11.44 6.88
C ILE B 99 -22.36 12.26 8.15
N ALA B 100 -22.90 11.83 9.28
CA ALA B 100 -22.62 12.51 10.56
C ALA B 100 -21.13 12.44 10.86
N ALA B 101 -20.50 11.29 10.70
CA ALA B 101 -19.09 11.08 11.03
C ALA B 101 -18.27 11.93 10.06
N LYS B 102 -18.64 11.88 8.78
CA LYS B 102 -17.96 12.71 7.75
C LYS B 102 -18.10 14.20 8.09
N ASN B 103 -19.29 14.66 8.45
CA ASN B 103 -19.57 16.09 8.74
C ASN B 103 -18.68 16.55 9.91
N GLU B 104 -18.52 15.74 10.93
CA GLU B 104 -17.70 16.10 12.11
C GLU B 104 -16.25 16.22 11.68
N ALA B 105 -15.77 15.25 10.88
CA ALA B 105 -14.39 15.23 10.40
C ALA B 105 -14.11 16.52 9.62
N VAL B 106 -14.98 16.87 8.70
CA VAL B 106 -14.78 18.08 7.85
C VAL B 106 -14.88 19.34 8.71
N LEU B 107 -15.88 19.44 9.57
CA LEU B 107 -16.02 20.62 10.43
C LEU B 107 -14.78 20.77 11.32
N ASP B 108 -14.23 19.69 11.89
CA ASP B 108 -12.99 19.81 12.71
C ASP B 108 -11.86 20.43 11.88
N ILE B 109 -11.74 20.02 10.63
CA ILE B 109 -10.74 20.64 9.73
C ILE B 109 -11.09 22.13 9.56
N ASN B 110 -12.33 22.43 9.27
CA ASN B 110 -12.77 23.84 9.07
C ASN B 110 -12.30 24.67 10.27
N LYS B 111 -12.62 24.19 11.46
CA LYS B 111 -12.29 24.85 12.74
C LYS B 111 -10.79 24.99 12.87
N SER B 112 -10.01 23.97 12.50
CA SER B 112 -8.53 24.01 12.65
C SER B 112 -7.96 25.12 11.76
N TYR B 113 -8.46 25.27 10.52
CA TYR B 113 -8.05 26.38 9.60
C TYR B 113 -8.46 27.72 10.22
N GLU B 114 -9.66 27.82 10.80
CA GLU B 114 -10.03 29.07 11.54
C GLU B 114 -8.93 29.41 12.54
N GLY B 115 -8.50 28.43 13.33
CA GLY B 115 -7.48 28.62 14.38
C GLY B 115 -6.13 28.96 13.77
N MET B 116 -5.78 28.34 12.65
CA MET B 116 -4.52 28.67 11.91
C MET B 116 -4.48 30.18 11.57
N PHE B 117 -5.57 30.73 11.04
CA PHE B 117 -5.65 32.19 10.70
C PHE B 117 -5.55 33.03 11.98
N ASN B 118 -6.24 32.64 13.04
CA ASN B 118 -6.19 33.39 14.32
C ASN B 118 -4.74 33.47 14.83
N ASP B 119 -3.97 32.38 14.71
CA ASP B 119 -2.68 32.16 15.38
C ASP B 119 -1.50 32.46 14.45
N THR B 120 -1.75 32.74 13.17
CA THR B 120 -0.69 33.09 12.20
C THR B 120 -0.77 34.59 11.97
N GLU B 121 0.14 35.32 12.61
CA GLU B 121 0.21 36.78 12.40
C GLU B 121 0.66 36.98 10.96
N GLY B 122 0.15 38.02 10.31
CA GLY B 122 0.49 38.33 8.92
C GLY B 122 -0.30 37.47 7.94
N LEU B 123 -1.22 36.63 8.44
CA LEU B 123 -2.13 35.86 7.58
C LEU B 123 -3.56 36.12 8.04
N ASP B 124 -4.34 36.80 7.23
CA ASP B 124 -5.68 37.28 7.59
C ASP B 124 -6.69 36.66 6.63
N PHE B 125 -7.80 36.20 7.19
CA PHE B 125 -8.93 35.59 6.47
C PHE B 125 -10.04 36.63 6.33
N PHE B 126 -10.58 36.75 5.13
CA PHE B 126 -11.74 37.62 4.86
C PHE B 126 -12.85 36.77 4.30
N LEU B 127 -14.04 36.90 4.88
CA LEU B 127 -15.23 36.16 4.44
C LEU B 127 -15.97 36.96 3.36
N GLY B 128 -16.28 36.30 2.27
CA GLY B 128 -17.08 36.92 1.20
C GLY B 128 -16.54 36.53 -0.17
N TRP B 129 -17.01 37.23 -1.19
CA TRP B 129 -16.77 36.95 -2.62
C TRP B 129 -15.69 37.92 -3.11
N GLY B 130 -14.50 37.39 -3.43
CA GLY B 130 -13.35 38.15 -3.95
C GLY B 130 -13.52 38.33 -5.43
N SER B 131 -13.21 39.51 -5.95
CA SER B 131 -13.20 39.79 -7.40
C SER B 131 -12.17 40.91 -7.60
N LEU B 132 -11.79 41.18 -8.84
CA LEU B 132 -10.74 42.16 -9.15
C LEU B 132 -11.40 43.50 -9.43
N GLU B 133 -11.11 44.50 -8.60
CA GLU B 133 -11.58 45.88 -8.84
C GLU B 133 -10.62 46.48 -9.87
N SER B 134 -9.32 46.26 -9.65
CA SER B 134 -8.20 46.76 -10.48
C SER B 134 -6.99 45.86 -10.23
N LYS B 135 -5.88 46.12 -10.90
CA LYS B 135 -4.75 45.15 -10.97
C LYS B 135 -4.05 45.06 -9.61
N ASN B 136 -4.31 46.00 -8.70
CA ASN B 136 -3.77 45.94 -7.32
C ASN B 136 -4.88 46.10 -6.30
N VAL B 137 -6.15 45.89 -6.66
CA VAL B 137 -7.24 45.89 -5.64
C VAL B 137 -8.16 44.69 -5.81
N VAL B 138 -8.27 43.90 -4.75
CA VAL B 138 -9.34 42.88 -4.62
C VAL B 138 -10.47 43.46 -3.81
N VAL B 139 -11.68 43.39 -4.35
CA VAL B 139 -12.91 43.76 -3.61
C VAL B 139 -13.55 42.48 -3.09
N VAL B 140 -13.96 42.50 -1.82
CA VAL B 140 -14.72 41.39 -1.17
C VAL B 140 -16.14 41.88 -0.98
N ARG B 141 -17.08 41.18 -1.58
CA ARG B 141 -18.51 41.54 -1.57
C ARG B 141 -19.34 40.49 -0.86
N GLU B 142 -20.57 40.88 -0.53
CA GLU B 142 -21.50 40.07 0.26
C GLU B 142 -21.84 38.79 -0.50
N THR B 143 -22.03 38.89 -1.81
CA THR B 143 -22.49 37.77 -2.65
C THR B 143 -21.69 37.77 -3.95
N ALA B 144 -21.90 36.73 -4.76
CA ALA B 144 -21.27 36.56 -6.10
C ALA B 144 -21.76 37.65 -7.06
N ASP B 145 -22.90 38.30 -6.78
CA ASP B 145 -23.42 39.42 -7.61
C ASP B 145 -22.48 40.61 -7.40
N PRO B 146 -21.88 41.17 -8.46
CA PRO B 146 -20.93 42.28 -8.29
C PRO B 146 -21.58 43.61 -7.83
N LYS B 147 -22.91 43.68 -7.78
CA LYS B 147 -23.68 44.85 -7.29
C LYS B 147 -23.91 44.71 -5.78
N SER B 148 -23.54 43.57 -5.17
CA SER B 148 -23.75 43.32 -3.72
C SER B 148 -22.79 44.20 -2.92
N ALA B 149 -23.05 44.37 -1.63
CA ALA B 149 -22.35 45.30 -0.72
C ALA B 149 -20.87 44.97 -0.62
N VAL B 150 -20.01 45.98 -0.67
CA VAL B 150 -18.57 45.83 -0.38
C VAL B 150 -18.40 45.55 1.11
N LYS B 151 -17.63 44.50 1.42
CA LYS B 151 -17.19 44.21 2.82
C LYS B 151 -15.77 44.74 2.98
N GLU B 152 -14.91 44.56 1.99
CA GLU B 152 -13.50 44.98 2.12
C GLU B 152 -12.98 45.44 0.76
N ARG B 153 -12.02 46.34 0.76
CA ARG B 153 -11.15 46.55 -0.43
C ARG B 153 -9.71 46.32 0.01
N LEU B 154 -9.04 45.39 -0.66
CA LEU B 154 -7.71 44.89 -0.27
C LEU B 154 -6.72 45.33 -1.34
N GLN B 155 -5.80 46.21 -0.97
CA GLN B 155 -4.69 46.68 -1.82
C GLN B 155 -3.65 45.56 -1.81
N ALA B 156 -3.26 45.11 -3.00
CA ALA B 156 -2.42 43.93 -3.20
C ALA B 156 -1.25 44.30 -4.10
N ASP B 157 -0.01 44.13 -3.63
CA ASP B 157 1.16 44.14 -4.52
C ASP B 157 0.97 42.97 -5.47
N HIS B 158 0.55 41.82 -4.95
CA HIS B 158 0.47 40.58 -5.74
C HIS B 158 -0.90 39.97 -5.48
N ILE B 159 -1.53 39.39 -6.51
CA ILE B 159 -2.87 38.76 -6.44
C ILE B 159 -2.81 37.32 -6.96
N LEU B 160 -3.23 36.37 -6.14
CA LEU B 160 -3.34 34.94 -6.57
C LEU B 160 -4.81 34.55 -6.75
N LEU B 161 -5.12 34.06 -7.94
CA LEU B 161 -6.46 33.50 -8.26
C LEU B 161 -6.37 32.00 -7.97
N ALA B 162 -7.17 31.53 -7.04
CA ALA B 162 -7.12 30.12 -6.58
C ALA B 162 -8.53 29.69 -6.20
N THR B 163 -9.49 29.99 -7.07
CA THR B 163 -10.93 29.76 -6.78
C THR B 163 -11.40 28.34 -7.16
N GLY B 164 -10.52 27.49 -7.73
CA GLY B 164 -10.88 26.10 -8.01
C GLY B 164 -11.85 25.96 -9.17
N SER B 165 -12.61 24.88 -9.15
CA SER B 165 -13.55 24.49 -10.21
C SER B 165 -14.91 24.24 -9.60
N TRP B 166 -15.84 23.80 -10.41
CA TRP B 166 -17.27 23.71 -10.09
C TRP B 166 -17.89 22.66 -10.99
N PRO B 167 -18.89 21.88 -10.53
CA PRO B 167 -19.43 20.81 -11.34
C PRO B 167 -20.04 21.43 -12.61
N GLN B 168 -19.82 20.76 -13.73
CA GLN B 168 -20.50 21.07 -15.02
C GLN B 168 -21.85 20.37 -15.03
N MET B 169 -22.92 21.09 -15.36
CA MET B 169 -24.28 20.49 -15.45
C MET B 169 -24.75 20.66 -16.89
N PRO B 170 -25.12 19.58 -17.59
CA PRO B 170 -25.56 19.73 -18.98
C PRO B 170 -26.89 20.50 -19.01
N ALA B 171 -27.06 21.32 -20.03
CA ALA B 171 -28.30 22.09 -20.28
C ALA B 171 -29.31 21.16 -20.92
N ILE B 172 -29.89 20.25 -20.15
CA ILE B 172 -30.95 19.33 -20.61
C ILE B 172 -32.24 19.70 -19.89
N PRO B 173 -33.41 19.42 -20.50
CA PRO B 173 -34.68 19.58 -19.79
C PRO B 173 -34.65 18.75 -18.49
N GLY B 174 -35.02 19.41 -17.38
CA GLY B 174 -35.14 18.74 -16.06
C GLY B 174 -33.81 18.64 -15.33
N ILE B 175 -32.77 19.34 -15.80
CA ILE B 175 -31.45 19.42 -15.09
C ILE B 175 -31.66 19.77 -13.62
N GLU B 176 -32.70 20.57 -13.31
CA GLU B 176 -32.98 21.01 -11.92
C GLU B 176 -33.36 19.81 -11.04
N HIS B 177 -33.74 18.65 -11.60
CA HIS B 177 -34.08 17.44 -10.82
C HIS B 177 -32.83 16.60 -10.54
N CYS B 178 -31.66 17.04 -11.04
CA CYS B 178 -30.36 16.37 -10.87
C CYS B 178 -29.52 17.11 -9.83
N ILE B 179 -28.56 16.39 -9.27
CA ILE B 179 -27.55 16.96 -8.34
C ILE B 179 -26.15 16.77 -8.93
N SER B 180 -25.17 17.26 -8.22
CA SER B 180 -23.74 17.05 -8.52
C SER B 180 -23.16 16.34 -7.31
N SER B 181 -21.86 16.12 -7.32
CA SER B 181 -21.15 15.56 -6.15
C SER B 181 -21.41 16.46 -4.93
N ASN B 182 -21.51 17.78 -5.09
CA ASN B 182 -21.70 18.71 -3.95
C ASN B 182 -22.88 18.22 -3.07
N GLU B 183 -24.04 18.03 -3.67
CA GLU B 183 -25.29 17.65 -2.96
C GLU B 183 -25.21 16.20 -2.48
N ALA B 184 -24.47 15.36 -3.18
CA ALA B 184 -24.36 13.94 -2.84
C ALA B 184 -23.81 13.81 -1.42
N PHE B 185 -22.85 14.67 -1.05
CA PHE B 185 -22.25 14.70 0.29
C PHE B 185 -23.28 15.02 1.37
N TYR B 186 -24.52 15.41 1.02
CA TYR B 186 -25.50 15.93 2.00
C TYR B 186 -26.85 15.19 1.87
N LEU B 187 -26.94 14.16 1.06
CA LEU B 187 -28.21 13.41 0.95
C LEU B 187 -28.49 12.90 2.35
N PRO B 188 -29.68 13.18 2.91
CA PRO B 188 -29.97 12.76 4.28
C PRO B 188 -30.15 11.24 4.40
N GLU B 189 -30.56 10.62 3.31
CA GLU B 189 -30.89 9.18 3.20
C GLU B 189 -30.16 8.65 1.97
N PRO B 190 -29.74 7.37 2.01
CA PRO B 190 -29.03 6.75 0.88
C PRO B 190 -30.05 6.43 -0.19
N PRO B 191 -29.83 6.82 -1.45
CA PRO B 191 -30.78 6.51 -2.51
C PRO B 191 -30.89 5.00 -2.79
N ARG B 192 -32.12 4.56 -3.01
CA ARG B 192 -32.43 3.14 -3.34
C ARG B 192 -31.95 2.89 -4.77
N ARG B 193 -32.23 3.84 -5.65
CA ARG B 193 -31.86 3.80 -7.08
C ARG B 193 -31.15 5.09 -7.37
N VAL B 194 -29.94 4.98 -7.90
CA VAL B 194 -29.16 6.18 -8.26
C VAL B 194 -28.50 5.91 -9.60
N LEU B 195 -28.56 6.94 -10.43
CA LEU B 195 -27.82 7.02 -11.71
C LEU B 195 -26.69 8.00 -11.50
N THR B 196 -25.45 7.53 -11.61
CA THR B 196 -24.29 8.43 -11.66
C THR B 196 -23.98 8.63 -13.14
N VAL B 197 -23.90 9.89 -13.56
CA VAL B 197 -23.67 10.26 -14.97
C VAL B 197 -22.22 10.70 -15.10
N GLY B 198 -21.48 9.98 -15.94
CA GLY B 198 -20.06 10.24 -16.19
C GLY B 198 -19.24 8.98 -16.02
N GLY B 199 -18.12 8.94 -16.71
CA GLY B 199 -17.18 7.82 -16.65
C GLY B 199 -15.91 8.17 -15.90
N GLY B 200 -15.83 9.36 -15.31
CA GLY B 200 -14.61 9.81 -14.64
C GLY B 200 -14.59 9.33 -13.19
N PHE B 201 -13.56 9.71 -12.46
CA PHE B 201 -13.30 9.15 -11.13
C PHE B 201 -14.45 9.50 -10.19
N ILE B 202 -15.03 10.69 -10.28
CA ILE B 202 -16.09 11.11 -9.32
C ILE B 202 -17.30 10.18 -9.48
N SER B 203 -17.77 9.96 -10.72
CA SER B 203 -18.88 9.04 -11.02
C SER B 203 -18.55 7.64 -10.50
N VAL B 204 -17.37 7.15 -10.80
CA VAL B 204 -17.01 5.76 -10.42
C VAL B 204 -16.90 5.65 -8.90
N GLU B 205 -16.30 6.64 -8.25
CA GLU B 205 -16.12 6.57 -6.78
C GLU B 205 -17.47 6.67 -6.08
N PHE B 206 -18.34 7.56 -6.51
CA PHE B 206 -19.70 7.67 -5.92
C PHE B 206 -20.55 6.43 -6.25
N ALA B 207 -20.39 5.82 -7.40
CA ALA B 207 -21.14 4.59 -7.72
C ALA B 207 -20.76 3.56 -6.66
N GLY B 208 -19.47 3.44 -6.29
CA GLY B 208 -19.08 2.45 -5.27
C GLY B 208 -19.63 2.80 -3.89
N ILE B 209 -19.68 4.11 -3.56
CA ILE B 209 -20.21 4.56 -2.24
C ILE B 209 -21.70 4.23 -2.16
N PHE B 210 -22.45 4.65 -3.16
CA PHE B 210 -23.90 4.42 -3.18
C PHE B 210 -24.19 2.92 -3.24
N ASN B 211 -23.37 2.15 -3.95
CA ASN B 211 -23.60 0.69 -4.05
C ASN B 211 -23.51 0.05 -2.66
N ALA B 212 -22.62 0.51 -1.79
CA ALA B 212 -22.46 -0.09 -0.44
C ALA B 212 -23.62 0.30 0.48
N TYR B 213 -24.07 1.54 0.46
CA TYR B 213 -25.06 2.08 1.44
C TYR B 213 -26.52 1.98 0.92
N LYS B 214 -26.75 1.46 -0.28
CA LYS B 214 -28.09 1.47 -0.87
C LYS B 214 -28.99 0.62 0.04
N PRO B 215 -30.26 1.00 0.24
CA PRO B 215 -31.18 0.16 1.01
C PRO B 215 -31.48 -1.12 0.26
N PRO B 216 -32.04 -2.13 0.97
CA PRO B 216 -32.38 -3.41 0.37
C PRO B 216 -33.17 -3.26 -0.93
N GLY B 217 -32.78 -4.05 -1.93
CA GLY B 217 -33.40 -4.05 -3.27
C GLY B 217 -33.02 -2.81 -4.05
N GLY B 218 -31.95 -2.12 -3.66
CA GLY B 218 -31.55 -0.91 -4.36
C GLY B 218 -30.67 -1.27 -5.54
N LYS B 219 -30.37 -0.27 -6.35
CA LYS B 219 -29.60 -0.49 -7.59
C LYS B 219 -28.88 0.82 -7.92
N VAL B 220 -27.58 0.70 -8.18
CA VAL B 220 -26.72 1.79 -8.69
C VAL B 220 -26.42 1.53 -10.16
N THR B 221 -26.67 2.55 -10.96
CA THR B 221 -26.40 2.57 -12.41
C THR B 221 -25.46 3.74 -12.66
N LEU B 222 -24.43 3.48 -13.44
CA LEU B 222 -23.46 4.46 -13.95
C LEU B 222 -23.62 4.49 -15.47
N CYS B 223 -23.81 5.67 -16.02
CA CYS B 223 -23.91 5.79 -17.49
C CYS B 223 -22.74 6.64 -17.95
N TYR B 224 -22.28 6.34 -19.15
CA TYR B 224 -21.17 7.08 -19.76
C TYR B 224 -21.39 7.09 -21.27
N ARG B 225 -21.11 8.23 -21.89
CA ARG B 225 -21.37 8.49 -23.33
C ARG B 225 -20.47 7.57 -24.17
N ASN B 226 -19.23 7.35 -23.76
CA ASN B 226 -18.25 6.65 -24.62
C ASN B 226 -18.28 5.18 -24.26
N ASN B 227 -17.41 4.41 -24.89
CA ASN B 227 -17.49 2.94 -24.93
C ASN B 227 -16.93 2.35 -23.63
N LEU B 228 -16.07 3.05 -22.91
CA LEU B 228 -15.27 2.47 -21.80
C LEU B 228 -14.98 3.59 -20.81
N ILE B 229 -15.35 3.39 -19.55
CA ILE B 229 -15.15 4.40 -18.47
C ILE B 229 -13.66 4.68 -18.28
N LEU B 230 -13.42 5.74 -17.54
CA LEU B 230 -12.11 6.21 -17.05
C LEU B 230 -11.15 6.40 -18.22
N ARG B 231 -11.57 7.17 -19.20
CA ARG B 231 -10.61 7.70 -20.20
CA ARG B 231 -10.64 7.74 -20.21
C ARG B 231 -9.44 8.37 -19.51
N GLY B 232 -8.25 8.18 -20.07
CA GLY B 232 -7.01 8.74 -19.56
C GLY B 232 -6.27 7.71 -18.75
N PHE B 233 -6.98 6.70 -18.23
CA PHE B 233 -6.35 5.61 -17.44
C PHE B 233 -5.92 4.49 -18.39
N ASP B 234 -5.04 3.64 -17.87
CA ASP B 234 -4.57 2.42 -18.57
C ASP B 234 -5.78 1.61 -19.05
N GLU B 235 -5.69 1.14 -20.28
CA GLU B 235 -6.86 0.49 -20.94
C GLU B 235 -7.15 -0.85 -20.29
N THR B 236 -6.16 -1.65 -19.89
CA THR B 236 -6.41 -2.93 -19.17
C THR B 236 -7.22 -2.60 -17.92
N ILE B 237 -6.77 -1.56 -17.22
CA ILE B 237 -7.41 -1.19 -15.94
C ILE B 237 -8.82 -0.68 -16.19
N ARG B 238 -9.07 0.05 -17.27
CA ARG B 238 -10.43 0.55 -17.57
C ARG B 238 -11.37 -0.64 -17.74
N GLU B 239 -10.89 -1.65 -18.48
CA GLU B 239 -11.70 -2.85 -18.78
C GLU B 239 -11.89 -3.63 -17.49
N GLU B 240 -10.85 -3.78 -16.68
CA GLU B 240 -10.99 -4.61 -15.43
C GLU B 240 -11.86 -3.89 -14.41
N VAL B 241 -11.67 -2.59 -14.22
CA VAL B 241 -12.54 -1.89 -13.23
C VAL B 241 -14.00 -2.00 -13.68
N THR B 242 -14.32 -1.90 -14.98
CA THR B 242 -15.70 -2.11 -15.47
C THR B 242 -16.22 -3.47 -15.00
N LYS B 243 -15.46 -4.52 -15.20
CA LYS B 243 -15.91 -5.89 -14.84
C LYS B 243 -16.09 -6.00 -13.33
N GLN B 244 -15.20 -5.34 -12.57
CA GLN B 244 -15.21 -5.54 -11.11
C GLN B 244 -16.34 -4.74 -10.47
N LEU B 245 -16.69 -3.59 -11.02
CA LEU B 245 -17.88 -2.85 -10.58
C LEU B 245 -19.12 -3.68 -10.89
N THR B 246 -19.20 -4.19 -12.12
CA THR B 246 -20.36 -5.02 -12.57
C THR B 246 -20.49 -6.22 -11.61
N ALA B 247 -19.38 -6.89 -11.28
CA ALA B 247 -19.41 -8.06 -10.39
C ALA B 247 -19.92 -7.71 -8.99
N ASN B 248 -19.79 -6.45 -8.59
CA ASN B 248 -20.29 -6.01 -7.27
C ASN B 248 -21.68 -5.36 -7.39
N GLY B 249 -22.36 -5.53 -8.52
CA GLY B 249 -23.80 -5.27 -8.62
C GLY B 249 -24.12 -3.92 -9.21
N ILE B 250 -23.12 -3.22 -9.74
CA ILE B 250 -23.33 -1.89 -10.38
C ILE B 250 -23.57 -2.13 -11.87
N GLU B 251 -24.59 -1.48 -12.41
CA GLU B 251 -24.97 -1.58 -13.85
C GLU B 251 -24.23 -0.47 -14.57
N ILE B 252 -23.29 -0.84 -15.44
CA ILE B 252 -22.49 0.13 -16.25
C ILE B 252 -23.20 0.24 -17.59
N MET B 253 -23.78 1.40 -17.87
CA MET B 253 -24.47 1.73 -19.14
C MET B 253 -23.53 2.59 -20.01
N THR B 254 -22.66 2.00 -20.81
CA THR B 254 -21.76 2.78 -21.70
C THR B 254 -22.51 3.06 -23.00
N ASN B 255 -22.04 4.03 -23.77
CA ASN B 255 -22.71 4.59 -24.96
C ASN B 255 -24.12 5.08 -24.61
N GLU B 256 -24.32 5.66 -23.43
CA GLU B 256 -25.66 6.15 -23.00
C GLU B 256 -25.44 7.51 -22.35
N ASN B 257 -26.37 8.44 -22.59
CA ASN B 257 -26.29 9.79 -22.00
C ASN B 257 -27.70 10.33 -21.81
N PRO B 258 -28.03 10.95 -20.64
CA PRO B 258 -29.36 11.51 -20.42
C PRO B 258 -29.69 12.64 -21.43
N ALA B 259 -30.93 12.61 -21.92
CA ALA B 259 -31.48 13.62 -22.86
C ALA B 259 -32.37 14.55 -22.05
N LYS B 260 -33.04 14.00 -21.03
CA LYS B 260 -33.94 14.77 -20.18
C LYS B 260 -34.30 13.99 -18.93
N VAL B 261 -34.78 14.73 -17.95
CA VAL B 261 -35.29 14.17 -16.69
C VAL B 261 -36.61 14.85 -16.38
N SER B 262 -37.62 14.08 -16.02
CA SER B 262 -38.89 14.60 -15.50
C SER B 262 -39.13 13.94 -14.13
N LEU B 263 -40.08 14.44 -13.33
CA LEU B 263 -40.54 13.75 -12.09
C LEU B 263 -41.69 12.80 -12.36
N ASN B 264 -41.59 11.55 -11.91
CA ASN B 264 -42.74 10.62 -11.77
C ASN B 264 -43.68 11.17 -10.69
N THR B 265 -44.93 10.66 -10.62
CA THR B 265 -45.94 11.19 -9.68
C THR B 265 -45.44 11.03 -8.22
N ASP B 266 -44.63 10.00 -7.91
CA ASP B 266 -44.08 9.71 -6.56
C ASP B 266 -42.83 10.55 -6.23
N GLY B 267 -42.39 11.46 -7.10
CA GLY B 267 -41.17 12.27 -6.83
C GLY B 267 -39.87 11.60 -7.30
N SER B 268 -39.88 10.34 -7.72
CA SER B 268 -38.71 9.69 -8.34
C SER B 268 -38.44 10.37 -9.69
N LYS B 269 -37.24 10.16 -10.23
CA LYS B 269 -36.80 10.83 -11.46
C LYS B 269 -36.93 9.85 -12.62
N HIS B 270 -37.55 10.34 -13.67
CA HIS B 270 -37.74 9.60 -14.93
C HIS B 270 -36.68 10.08 -15.91
N VAL B 271 -35.68 9.26 -16.14
CA VAL B 271 -34.56 9.62 -17.04
C VAL B 271 -34.87 9.06 -18.41
N THR B 272 -34.81 9.92 -19.42
CA THR B 272 -34.81 9.50 -20.83
C THR B 272 -33.41 9.69 -21.38
N PHE B 273 -32.82 8.61 -21.87
CA PHE B 273 -31.47 8.65 -22.51
C PHE B 273 -31.60 9.05 -23.97
N GLU B 274 -30.51 9.60 -24.54
CA GLU B 274 -30.42 9.92 -25.98
C GLU B 274 -30.89 8.75 -26.83
N SER B 275 -30.63 7.52 -26.40
CA SER B 275 -30.95 6.27 -27.12
C SER B 275 -32.46 6.01 -27.08
N GLY B 276 -33.21 6.79 -26.31
CA GLY B 276 -34.65 6.55 -26.11
C GLY B 276 -34.93 5.79 -24.82
N LYS B 277 -34.03 4.90 -24.37
CA LYS B 277 -34.11 4.10 -23.12
C LYS B 277 -34.50 4.98 -21.93
N THR B 278 -35.18 4.39 -20.95
CA THR B 278 -35.65 5.11 -19.74
C THR B 278 -35.19 4.37 -18.50
N LEU B 279 -35.09 5.11 -17.41
CA LEU B 279 -34.64 4.59 -16.11
C LEU B 279 -35.28 5.45 -15.05
N ASP B 280 -35.94 4.80 -14.10
CA ASP B 280 -36.49 5.50 -12.93
C ASP B 280 -35.48 5.39 -11.79
N VAL B 281 -35.10 6.52 -11.20
CA VAL B 281 -34.18 6.51 -10.04
C VAL B 281 -34.63 7.54 -9.01
N ASP B 282 -34.04 7.46 -7.81
CA ASP B 282 -34.29 8.38 -6.69
C ASP B 282 -33.36 9.58 -6.80
N VAL B 283 -32.15 9.40 -7.34
CA VAL B 283 -31.15 10.48 -7.49
C VAL B 283 -30.47 10.31 -8.83
N VAL B 284 -30.26 11.43 -9.49
CA VAL B 284 -29.44 11.57 -10.71
C VAL B 284 -28.27 12.45 -10.33
N MET B 285 -27.09 11.85 -10.22
CA MET B 285 -25.87 12.61 -9.87
C MET B 285 -25.04 12.83 -11.14
N MET B 286 -25.01 14.09 -11.58
CA MET B 286 -24.19 14.54 -12.74
C MET B 286 -22.73 14.66 -12.30
N ALA B 287 -21.85 13.87 -12.88
CA ALA B 287 -20.39 13.97 -12.68
C ALA B 287 -19.73 13.85 -14.06
N ILE B 288 -20.11 14.77 -14.93
CA ILE B 288 -19.58 14.83 -16.34
C ILE B 288 -18.39 15.77 -16.50
N GLY B 289 -18.03 16.54 -15.49
CA GLY B 289 -16.87 17.43 -15.64
C GLY B 289 -16.85 18.48 -14.59
N ARG B 290 -15.72 19.15 -14.50
CA ARG B 290 -15.58 20.30 -13.60
C ARG B 290 -15.00 21.45 -14.40
N ILE B 291 -15.53 22.64 -14.20
CA ILE B 291 -15.07 23.82 -14.95
C ILE B 291 -14.50 24.87 -14.01
N PRO B 292 -13.45 25.58 -14.46
CA PRO B 292 -12.81 26.62 -13.65
C PRO B 292 -13.79 27.71 -13.20
N ARG B 293 -13.62 28.19 -11.97
CA ARG B 293 -14.53 29.18 -11.36
C ARG B 293 -13.99 30.59 -11.55
N THR B 294 -14.27 31.15 -12.73
CA THR B 294 -13.71 32.46 -13.14
C THR B 294 -14.82 33.50 -13.33
N ASN B 295 -16.04 33.09 -13.60
CA ASN B 295 -17.20 34.01 -13.75
C ASN B 295 -17.17 35.12 -12.68
N ASP B 296 -17.12 34.72 -11.43
CA ASP B 296 -17.40 35.68 -10.32
C ASP B 296 -16.21 36.61 -10.09
N LEU B 297 -15.07 36.36 -10.70
CA LEU B 297 -13.86 37.16 -10.38
C LEU B 297 -13.87 38.50 -11.10
N GLN B 298 -14.79 38.75 -12.04
CA GLN B 298 -14.84 40.04 -12.79
C GLN B 298 -13.48 40.32 -13.41
N LEU B 299 -12.85 39.29 -14.01
CA LEU B 299 -11.49 39.45 -14.56
C LEU B 299 -11.51 40.46 -15.71
N GLY B 300 -12.65 40.73 -16.34
CA GLY B 300 -12.78 41.82 -17.32
C GLY B 300 -12.36 43.18 -16.77
N ASN B 301 -12.30 43.34 -15.44
CA ASN B 301 -11.88 44.63 -14.82
C ASN B 301 -10.38 44.84 -15.00
N VAL B 302 -9.61 43.78 -15.23
CA VAL B 302 -8.14 43.91 -15.28
C VAL B 302 -7.60 43.33 -16.59
N GLY B 303 -8.40 42.58 -17.36
CA GLY B 303 -7.94 42.07 -18.67
C GLY B 303 -7.06 40.84 -18.54
N VAL B 304 -7.33 40.00 -17.54
CA VAL B 304 -6.62 38.70 -17.38
C VAL B 304 -7.10 37.77 -18.48
N LYS B 305 -6.17 37.11 -19.14
CA LYS B 305 -6.51 36.29 -20.32
C LYS B 305 -7.09 34.94 -19.84
N LEU B 306 -8.30 34.61 -20.30
CA LEU B 306 -8.92 33.28 -20.09
C LEU B 306 -8.85 32.50 -21.37
N THR B 307 -8.97 31.18 -21.27
CA THR B 307 -9.20 30.30 -22.45
C THR B 307 -10.69 30.35 -22.79
N PRO B 308 -11.09 29.94 -24.00
CA PRO B 308 -12.51 29.84 -24.33
C PRO B 308 -13.32 28.99 -23.34
N LYS B 309 -12.72 27.94 -22.79
CA LYS B 309 -13.23 27.10 -21.65
C LYS B 309 -13.47 27.94 -20.37
N GLY B 310 -12.77 29.05 -20.18
CA GLY B 310 -12.88 29.92 -19.00
C GLY B 310 -11.82 29.63 -17.96
N GLY B 311 -10.80 28.85 -18.31
CA GLY B 311 -9.63 28.71 -17.43
C GLY B 311 -8.78 29.95 -17.46
N VAL B 312 -8.05 30.19 -16.39
CA VAL B 312 -7.03 31.26 -16.44
C VAL B 312 -5.77 30.76 -17.16
N GLN B 313 -5.36 31.47 -18.21
CA GLN B 313 -4.14 31.09 -18.93
C GLN B 313 -2.95 31.45 -18.06
N VAL B 314 -2.01 30.53 -17.92
CA VAL B 314 -0.76 30.76 -17.15
C VAL B 314 0.43 30.22 -17.93
N ASP B 315 1.57 30.81 -17.67
CA ASP B 315 2.87 30.25 -18.11
C ASP B 315 3.25 29.15 -17.09
N GLU B 316 4.44 28.58 -17.20
CA GLU B 316 4.86 27.43 -16.35
C GLU B 316 5.10 27.93 -14.92
N PHE B 317 5.18 29.24 -14.70
CA PHE B 317 5.44 29.83 -13.39
C PHE B 317 4.14 30.40 -12.83
N SER B 318 2.98 29.98 -13.38
CA SER B 318 1.63 30.36 -12.89
C SER B 318 1.35 31.87 -13.08
N ARG B 319 2.07 32.52 -14.00
CA ARG B 319 1.90 33.98 -14.24
C ARG B 319 0.82 34.17 -15.29
N THR B 320 -0.12 35.05 -15.03
CA THR B 320 -1.12 35.43 -16.04
C THR B 320 -0.45 36.46 -16.97
N ASN B 321 -1.20 36.99 -17.91
CA ASN B 321 -0.73 38.07 -18.82
C ASN B 321 -0.63 39.38 -18.03
N VAL B 322 -1.19 39.47 -16.83
CA VAL B 322 -1.09 40.74 -16.02
C VAL B 322 0.02 40.57 -14.98
N PRO B 323 1.08 41.40 -14.99
CA PRO B 323 2.16 41.28 -13.99
C PRO B 323 1.52 41.30 -12.59
N ASN B 324 2.04 40.54 -11.64
CA ASN B 324 1.56 40.60 -10.24
C ASN B 324 0.24 39.85 -10.08
N ILE B 325 -0.35 39.27 -11.14
CA ILE B 325 -1.57 38.42 -10.96
C ILE B 325 -1.21 37.02 -11.45
N TYR B 326 -1.38 36.05 -10.57
CA TYR B 326 -1.00 34.63 -10.78
C TYR B 326 -2.26 33.78 -10.64
N ALA B 327 -2.19 32.55 -11.13
CA ALA B 327 -3.31 31.61 -10.92
C ALA B 327 -2.71 30.22 -10.72
N ILE B 328 -3.27 29.49 -9.78
CA ILE B 328 -2.83 28.09 -9.54
C ILE B 328 -4.08 27.22 -9.35
N GLY B 329 -3.85 25.93 -9.46
CA GLY B 329 -4.87 24.93 -9.12
C GLY B 329 -5.91 24.78 -10.20
N ASP B 330 -7.09 24.31 -9.85
CA ASP B 330 -8.10 23.90 -10.84
C ASP B 330 -8.50 25.08 -11.74
N ILE B 331 -8.44 26.32 -11.26
CA ILE B 331 -8.78 27.53 -12.08
C ILE B 331 -7.96 27.55 -13.38
N THR B 332 -6.83 26.85 -13.42
CA THR B 332 -5.92 26.84 -14.60
C THR B 332 -6.32 25.71 -15.53
N ASP B 333 -7.21 24.83 -15.10
CA ASP B 333 -7.83 23.79 -15.96
C ASP B 333 -6.78 22.90 -16.59
N ARG B 334 -5.94 22.34 -15.76
CA ARG B 334 -4.89 21.40 -16.18
C ARG B 334 -5.08 20.12 -15.37
N LEU B 335 -4.19 19.84 -14.42
CA LEU B 335 -4.34 18.62 -13.59
C LEU B 335 -5.16 19.00 -12.35
N MET B 336 -6.37 18.49 -12.20
CA MET B 336 -7.21 18.91 -11.08
C MET B 336 -6.96 17.97 -9.90
N LEU B 337 -5.82 18.15 -9.24
CA LEU B 337 -5.42 17.37 -8.04
C LEU B 337 -5.01 18.34 -6.94
N THR B 338 -5.31 17.97 -5.71
CA THR B 338 -4.98 18.81 -4.56
C THR B 338 -3.46 18.94 -4.45
N PRO B 339 -2.66 17.85 -4.54
CA PRO B 339 -1.22 17.98 -4.36
C PRO B 339 -0.56 18.81 -5.47
N VAL B 340 -1.16 18.82 -6.63
CA VAL B 340 -0.63 19.67 -7.73
C VAL B 340 -0.92 21.14 -7.42
N ALA B 341 -2.14 21.47 -7.02
CA ALA B 341 -2.47 22.85 -6.58
C ALA B 341 -1.49 23.31 -5.49
N ILE B 342 -1.18 22.42 -4.56
CA ILE B 342 -0.28 22.73 -3.43
C ILE B 342 1.12 22.98 -3.98
N ASN B 343 1.56 22.11 -4.86
CA ASN B 343 2.91 22.21 -5.45
C ASN B 343 3.01 23.54 -6.21
N GLU B 344 2.00 23.89 -6.98
CA GLU B 344 1.99 25.14 -7.78
C GLU B 344 2.06 26.36 -6.84
N GLY B 345 1.26 26.36 -5.77
CA GLY B 345 1.27 27.46 -4.79
C GLY B 345 2.64 27.67 -4.18
N ALA B 346 3.29 26.58 -3.77
CA ALA B 346 4.60 26.61 -3.11
C ALA B 346 5.64 27.12 -4.11
N ALA B 347 5.54 26.69 -5.37
CA ALA B 347 6.54 27.02 -6.42
C ALA B 347 6.40 28.50 -6.78
N LEU B 348 5.16 28.98 -6.83
CA LEU B 348 4.87 30.40 -7.09
C LEU B 348 5.49 31.25 -5.98
N VAL B 349 5.22 30.92 -4.73
CA VAL B 349 5.73 31.78 -3.62
C VAL B 349 7.27 31.75 -3.54
N ASP B 350 7.87 30.57 -3.78
CA ASP B 350 9.35 30.48 -3.79
C ASP B 350 9.88 31.41 -4.91
N THR B 351 9.25 31.37 -6.06
CA THR B 351 9.69 32.13 -7.25
C THR B 351 9.52 33.61 -6.95
N VAL B 352 8.32 34.02 -6.54
CA VAL B 352 7.95 35.44 -6.50
C VAL B 352 8.57 36.10 -5.27
N PHE B 353 8.44 35.50 -4.09
CA PHE B 353 8.83 36.11 -2.80
C PHE B 353 10.21 35.61 -2.36
N GLY B 354 10.63 34.41 -2.80
CA GLY B 354 11.95 33.87 -2.42
C GLY B 354 13.03 34.14 -3.46
N ASN B 355 12.68 34.63 -4.65
CA ASN B 355 13.60 34.71 -5.83
C ASN B 355 14.28 33.34 -5.98
N LYS B 356 13.52 32.24 -5.79
CA LYS B 356 14.04 30.87 -5.87
C LYS B 356 13.29 30.18 -7.00
N PRO B 357 13.65 30.51 -8.26
CA PRO B 357 12.80 30.20 -9.40
C PRO B 357 12.57 28.69 -9.54
N ARG B 358 11.31 28.30 -9.62
CA ARG B 358 10.90 26.88 -9.61
C ARG B 358 9.50 26.79 -10.20
N LYS B 359 9.30 25.79 -11.05
CA LYS B 359 8.02 25.52 -11.72
C LYS B 359 7.62 24.08 -11.39
N THR B 360 6.32 23.83 -11.32
CA THR B 360 5.70 22.53 -10.96
C THR B 360 5.84 21.59 -12.16
N ASP B 361 6.32 20.38 -11.92
CA ASP B 361 6.39 19.35 -12.98
C ASP B 361 5.03 18.65 -12.97
N HIS B 362 4.24 18.80 -14.03
CA HIS B 362 2.91 18.17 -14.18
C HIS B 362 3.01 16.80 -14.83
N THR B 363 4.24 16.34 -15.08
CA THR B 363 4.51 14.97 -15.59
C THR B 363 4.78 14.06 -14.40
N ARG B 364 4.49 12.78 -14.59
CA ARG B 364 4.89 11.71 -13.64
C ARG B 364 4.30 12.00 -12.24
N VAL B 365 3.11 12.56 -12.24
CA VAL B 365 2.35 12.81 -10.98
C VAL B 365 1.62 11.52 -10.64
N ALA B 366 1.92 10.98 -9.45
CA ALA B 366 1.16 9.83 -8.91
C ALA B 366 -0.24 10.30 -8.56
N SER B 367 -1.25 9.48 -8.88
CA SER B 367 -2.65 9.76 -8.52
C SER B 367 -3.36 8.45 -8.30
N ALA B 368 -4.57 8.58 -7.83
CA ALA B 368 -5.37 7.42 -7.42
C ALA B 368 -6.80 7.64 -7.87
N VAL B 369 -7.50 6.52 -7.99
CA VAL B 369 -8.97 6.46 -8.05
C VAL B 369 -9.44 5.56 -6.90
N PHE B 370 -10.25 6.08 -6.01
CA PHE B 370 -10.77 5.28 -4.87
C PHE B 370 -12.01 4.58 -5.33
N SER B 371 -11.85 3.90 -6.45
CA SER B 371 -12.82 2.88 -6.87
C SER B 371 -12.65 1.68 -5.94
N ILE B 372 -13.58 0.74 -6.04
CA ILE B 372 -13.53 -0.52 -5.28
C ILE B 372 -13.54 -1.61 -6.34
N PRO B 373 -12.39 -2.26 -6.55
CA PRO B 373 -11.10 -1.88 -5.93
C PRO B 373 -10.43 -0.68 -6.57
N PRO B 374 -9.38 -0.08 -5.93
CA PRO B 374 -8.85 1.21 -6.38
C PRO B 374 -7.76 1.15 -7.45
N ILE B 375 -7.43 2.30 -7.98
CA ILE B 375 -6.38 2.49 -9.01
C ILE B 375 -5.27 3.35 -8.42
N GLY B 376 -4.04 3.03 -8.77
CA GLY B 376 -2.90 3.91 -8.50
C GLY B 376 -2.11 4.00 -9.76
N THR B 377 -1.77 5.20 -10.17
CA THR B 377 -1.11 5.37 -11.49
C THR B 377 -0.10 6.49 -11.39
N CYS B 378 0.94 6.41 -12.21
CA CYS B 378 1.95 7.47 -12.30
C CYS B 378 2.56 7.41 -13.69
N GLY B 379 2.51 8.52 -14.41
CA GLY B 379 3.16 8.59 -15.73
C GLY B 379 2.27 8.14 -16.85
N LEU B 380 2.89 7.82 -17.98
CA LEU B 380 2.18 7.70 -19.28
C LEU B 380 1.50 6.35 -19.39
N ILE B 381 0.32 6.35 -19.98
CA ILE B 381 -0.30 5.11 -20.51
C ILE B 381 0.38 4.79 -21.85
N GLU B 382 0.28 3.55 -22.24
CA GLU B 382 1.14 2.98 -23.31
C GLU B 382 0.80 3.66 -24.65
N GLU B 383 -0.47 3.93 -24.93
CA GLU B 383 -0.94 4.57 -26.19
C GLU B 383 -0.29 5.96 -26.32
N VAL B 384 -0.18 6.69 -25.22
CA VAL B 384 0.48 8.02 -25.22
C VAL B 384 1.98 7.79 -25.42
N ALA B 385 2.59 6.88 -24.65
CA ALA B 385 4.04 6.62 -24.76
C ALA B 385 4.39 6.27 -26.21
N ALA B 386 3.59 5.39 -26.81
CA ALA B 386 3.79 4.78 -28.15
C ALA B 386 3.90 5.88 -29.22
N LYS B 387 3.20 6.99 -29.03
CA LYS B 387 3.22 8.17 -29.95
C LYS B 387 4.49 8.99 -29.73
N GLU B 388 5.07 9.00 -28.52
CA GLU B 388 6.22 9.88 -28.15
C GLU B 388 7.55 9.14 -28.32
N PHE B 389 7.53 7.80 -28.40
CA PHE B 389 8.74 6.94 -28.36
C PHE B 389 8.66 5.87 -29.44
N GLU B 390 9.80 5.59 -30.08
CA GLU B 390 9.92 4.66 -31.22
C GLU B 390 9.61 3.24 -30.76
N LYS B 391 10.21 2.81 -29.63
CA LYS B 391 9.94 1.46 -29.08
C LYS B 391 9.49 1.61 -27.63
N VAL B 392 8.35 1.01 -27.34
CA VAL B 392 7.76 1.00 -25.97
C VAL B 392 7.55 -0.45 -25.61
N ALA B 393 7.92 -0.82 -24.39
CA ALA B 393 7.69 -2.16 -23.84
C ALA B 393 6.57 -2.06 -22.80
N VAL B 394 5.72 -3.07 -22.74
CA VAL B 394 4.71 -3.17 -21.65
C VAL B 394 4.98 -4.45 -20.88
N TYR B 395 5.20 -4.31 -19.58
CA TYR B 395 5.36 -5.42 -18.64
C TYR B 395 4.03 -5.54 -17.89
N MET B 396 3.34 -6.68 -17.92
CA MET B 396 2.00 -6.73 -17.32
C MET B 396 1.89 -8.00 -16.50
N SER B 397 1.30 -7.85 -15.32
CA SER B 397 0.94 -8.97 -14.40
C SER B 397 -0.54 -8.78 -14.07
N SER B 398 -1.36 -9.78 -14.27
CA SER B 398 -2.81 -9.60 -13.97
C SER B 398 -3.39 -10.94 -13.53
N PHE B 399 -3.82 -11.07 -12.28
CA PHE B 399 -4.26 -12.37 -11.71
C PHE B 399 -5.07 -12.03 -10.45
N THR B 400 -6.05 -12.86 -10.10
CA THR B 400 -6.77 -12.81 -8.80
C THR B 400 -5.79 -13.22 -7.69
N PRO B 401 -5.43 -12.32 -6.76
CA PRO B 401 -4.56 -12.72 -5.67
C PRO B 401 -5.21 -13.89 -4.91
N LEU B 402 -4.36 -14.70 -4.34
CA LEU B 402 -4.77 -15.89 -3.54
C LEU B 402 -5.82 -15.48 -2.50
N MET B 403 -5.62 -14.36 -1.78
CA MET B 403 -6.58 -14.00 -0.70
C MET B 403 -7.99 -13.85 -1.28
N HIS B 404 -8.14 -13.47 -2.55
CA HIS B 404 -9.50 -13.24 -3.14
C HIS B 404 -10.09 -14.52 -3.72
N ASN B 405 -9.27 -15.53 -3.94
CA ASN B 405 -9.78 -16.90 -4.19
C ASN B 405 -10.44 -17.38 -2.90
N ILE B 406 -9.86 -17.09 -1.74
CA ILE B 406 -10.45 -17.54 -0.45
C ILE B 406 -11.62 -16.61 -0.09
N SER B 407 -11.49 -15.32 -0.31
CA SER B 407 -12.56 -14.37 0.12
C SER B 407 -13.84 -14.58 -0.68
N GLY B 408 -13.73 -15.18 -1.88
CA GLY B 408 -14.87 -15.40 -2.79
C GLY B 408 -15.03 -14.27 -3.78
N SER B 409 -14.23 -13.19 -3.70
CA SER B 409 -14.24 -12.11 -4.70
C SER B 409 -13.27 -12.49 -5.83
N LYS B 410 -13.56 -13.56 -6.57
CA LYS B 410 -12.55 -14.11 -7.52
C LYS B 410 -12.39 -13.17 -8.70
N TYR B 411 -13.33 -12.26 -8.89
CA TYR B 411 -13.28 -11.20 -9.92
C TYR B 411 -12.21 -10.14 -9.62
N LYS B 412 -11.61 -10.11 -8.42
CA LYS B 412 -10.74 -8.99 -8.04
C LYS B 412 -9.34 -9.29 -8.56
N LYS B 413 -9.14 -9.18 -9.86
CA LYS B 413 -7.80 -9.29 -10.47
C LYS B 413 -7.00 -8.06 -10.06
N PHE B 414 -5.80 -8.27 -9.56
CA PHE B 414 -4.78 -7.20 -9.36
C PHE B 414 -4.07 -7.02 -10.69
N VAL B 415 -4.02 -5.80 -11.21
CA VAL B 415 -3.30 -5.51 -12.47
C VAL B 415 -2.10 -4.68 -12.09
N ALA B 416 -0.92 -5.06 -12.55
CA ALA B 416 0.30 -4.22 -12.42
C ALA B 416 0.89 -4.12 -13.81
N LYS B 417 1.06 -2.89 -14.31
CA LYS B 417 1.61 -2.66 -15.66
C LYS B 417 2.71 -1.62 -15.56
N ILE B 418 3.82 -1.92 -16.22
CA ILE B 418 4.93 -0.94 -16.32
C ILE B 418 5.14 -0.68 -17.81
N VAL B 419 5.17 0.59 -18.17
CA VAL B 419 5.41 1.03 -19.58
C VAL B 419 6.82 1.60 -19.66
N THR B 420 7.66 1.12 -20.60
CA THR B 420 9.05 1.65 -20.69
C THR B 420 9.36 2.19 -22.08
N ASN B 421 10.30 3.13 -22.12
CA ASN B 421 11.11 3.45 -23.31
C ASN B 421 12.05 2.25 -23.49
N HIS B 422 11.77 1.34 -24.42
CA HIS B 422 12.54 0.08 -24.61
C HIS B 422 13.97 0.37 -25.10
N SER B 423 14.23 1.57 -25.62
CA SER B 423 15.58 1.97 -26.09
C SER B 423 16.55 1.97 -24.92
N ASP B 424 16.12 2.46 -23.75
CA ASP B 424 17.05 2.55 -22.61
C ASP B 424 16.44 1.96 -21.35
N GLY B 425 15.20 1.44 -21.39
CA GLY B 425 14.56 0.83 -20.20
C GLY B 425 13.91 1.83 -19.25
N THR B 426 13.99 3.14 -19.52
CA THR B 426 13.38 4.19 -18.65
C THR B 426 11.89 3.91 -18.47
N VAL B 427 11.46 3.85 -17.20
CA VAL B 427 10.01 3.69 -16.88
C VAL B 427 9.26 4.98 -17.20
N LEU B 428 8.26 4.87 -18.06
CA LEU B 428 7.42 5.99 -18.55
C LEU B 428 6.15 6.07 -17.72
N GLY B 429 5.63 4.91 -17.33
CA GLY B 429 4.36 4.84 -16.59
C GLY B 429 4.25 3.57 -15.77
N VAL B 430 3.49 3.64 -14.68
CA VAL B 430 3.18 2.47 -13.83
C VAL B 430 1.70 2.59 -13.50
N HIS B 431 0.95 1.53 -13.71
CA HIS B 431 -0.53 1.52 -13.59
C HIS B 431 -0.93 0.31 -12.79
N LEU B 432 -1.60 0.55 -11.67
CA LEU B 432 -2.03 -0.52 -10.74
C LEU B 432 -3.53 -0.51 -10.51
N LEU B 433 -4.10 -1.70 -10.43
CA LEU B 433 -5.50 -1.84 -9.98
C LEU B 433 -5.54 -2.94 -8.95
N GLY B 434 -6.13 -2.64 -7.79
CA GLY B 434 -6.33 -3.60 -6.72
C GLY B 434 -6.08 -3.01 -5.35
N ASP B 435 -6.46 -3.75 -4.32
CA ASP B 435 -6.36 -3.28 -2.92
C ASP B 435 -4.93 -2.79 -2.71
N GLY B 436 -4.75 -1.59 -2.16
CA GLY B 436 -3.42 -1.03 -1.87
C GLY B 436 -2.83 -0.17 -2.96
N ALA B 437 -3.39 -0.16 -4.16
CA ALA B 437 -2.78 0.50 -5.32
C ALA B 437 -2.42 1.95 -5.00
N PRO B 438 -3.29 2.79 -4.38
CA PRO B 438 -2.95 4.18 -4.12
C PRO B 438 -1.75 4.34 -3.19
N GLU B 439 -1.60 3.40 -2.26
CA GLU B 439 -0.48 3.39 -1.28
C GLU B 439 0.79 2.93 -1.98
N ILE B 440 0.72 1.95 -2.88
CA ILE B 440 1.91 1.38 -3.57
C ILE B 440 2.52 2.44 -4.48
N ILE B 441 1.68 3.21 -5.16
CA ILE B 441 2.10 4.06 -6.29
C ILE B 441 2.87 5.27 -5.78
N GLN B 442 2.73 5.66 -4.51
CA GLN B 442 3.36 6.92 -4.03
C GLN B 442 4.86 6.86 -4.23
N ALA B 443 5.54 5.80 -3.76
CA ALA B 443 7.02 5.81 -3.83
C ALA B 443 7.45 5.54 -5.28
N VAL B 444 6.53 5.04 -6.11
CA VAL B 444 6.74 4.90 -7.57
C VAL B 444 6.89 6.29 -8.18
N GLY B 445 6.12 7.26 -7.72
CA GLY B 445 6.37 8.67 -8.13
C GLY B 445 7.80 9.09 -7.87
N VAL B 446 8.36 8.69 -6.74
CA VAL B 446 9.77 9.03 -6.41
C VAL B 446 10.67 8.32 -7.42
N CYS B 447 10.38 7.07 -7.74
CA CYS B 447 11.21 6.28 -8.69
C CYS B 447 11.29 6.99 -10.04
N LEU B 448 10.15 7.49 -10.54
CA LEU B 448 10.06 8.12 -11.89
C LEU B 448 10.78 9.46 -11.86
N ARG B 449 10.73 10.19 -10.75
CA ARG B 449 11.54 11.43 -10.59
C ARG B 449 13.03 11.10 -10.71
N LEU B 450 13.46 9.91 -10.29
CA LEU B 450 14.87 9.45 -10.31
C LEU B 450 15.19 8.72 -11.62
N ASN B 451 14.30 8.79 -12.60
CA ASN B 451 14.49 8.23 -13.97
C ASN B 451 14.78 6.75 -13.85
N ALA B 452 14.09 6.07 -12.93
CA ALA B 452 14.15 4.61 -12.74
C ALA B 452 13.93 3.92 -14.10
N LYS B 453 14.72 2.87 -14.32
CA LYS B 453 14.63 1.96 -15.46
C LYS B 453 13.97 0.67 -14.94
N ILE B 454 13.45 -0.15 -15.85
CA ILE B 454 12.79 -1.42 -15.47
C ILE B 454 13.78 -2.26 -14.67
N SER B 455 15.07 -2.24 -15.04
CA SER B 455 16.11 -3.02 -14.34
C SER B 455 16.22 -2.56 -12.88
N ASP B 456 15.96 -1.29 -12.60
CA ASP B 456 15.97 -0.79 -11.20
C ASP B 456 14.82 -1.42 -10.42
N PHE B 457 13.68 -1.63 -11.04
CA PHE B 457 12.54 -2.36 -10.42
C PHE B 457 12.89 -3.85 -10.28
N TYR B 458 13.29 -4.53 -11.35
CA TYR B 458 13.42 -6.01 -11.24
CA TYR B 458 13.47 -6.01 -11.31
C TYR B 458 14.66 -6.38 -10.41
N ASN B 459 15.64 -5.49 -10.25
CA ASN B 459 16.81 -5.86 -9.41
C ASN B 459 16.57 -5.55 -7.92
N THR B 460 15.48 -4.87 -7.60
CA THR B 460 15.09 -4.63 -6.21
C THR B 460 14.48 -5.93 -5.68
N ILE B 461 14.84 -6.30 -4.47
CA ILE B 461 14.32 -7.51 -3.83
C ILE B 461 12.87 -7.23 -3.38
N GLY B 462 11.98 -8.16 -3.71
CA GLY B 462 10.57 -8.08 -3.32
C GLY B 462 10.36 -8.11 -1.81
N VAL B 463 9.26 -7.48 -1.37
CA VAL B 463 8.67 -7.70 -0.03
C VAL B 463 7.58 -8.74 -0.25
N HIS B 464 7.61 -9.83 0.49
CA HIS B 464 6.72 -10.97 0.20
C HIS B 464 6.05 -11.39 1.49
N PRO B 465 4.75 -11.71 1.44
CA PRO B 465 3.91 -11.56 0.25
C PRO B 465 3.23 -10.19 0.21
N THR B 466 3.32 -9.53 -0.93
CA THR B 466 2.58 -8.28 -1.21
C THR B 466 2.07 -8.31 -2.64
N SER B 467 1.08 -7.47 -2.90
CA SER B 467 0.74 -7.12 -4.29
C SER B 467 1.90 -6.34 -4.90
N ALA B 468 2.52 -5.40 -4.16
CA ALA B 468 3.54 -4.48 -4.69
C ALA B 468 4.74 -5.27 -5.24
N GLU B 469 5.05 -6.47 -4.74
CA GLU B 469 6.27 -7.17 -5.23
C GLU B 469 6.08 -7.49 -6.72
N GLU B 470 4.85 -7.54 -7.24
CA GLU B 470 4.67 -7.77 -8.70
C GLU B 470 5.55 -6.80 -9.51
N LEU B 471 5.69 -5.55 -9.02
CA LEU B 471 6.44 -4.48 -9.73
C LEU B 471 7.90 -4.87 -9.92
N CYS B 472 8.42 -5.75 -9.08
CA CYS B 472 9.88 -6.03 -8.99
C CYS B 472 10.17 -7.44 -9.52
N SER B 473 9.17 -8.04 -10.16
CA SER B 473 9.14 -9.45 -10.60
C SER B 473 8.93 -9.54 -12.11
N MET B 474 9.00 -8.42 -12.84
CA MET B 474 8.75 -8.37 -14.29
C MET B 474 10.04 -8.02 -15.03
N ARG B 475 10.61 -9.06 -15.64
CA ARG B 475 11.93 -9.15 -16.32
C ARG B 475 11.71 -9.05 -17.84
N THR B 476 10.56 -9.56 -18.35
CA THR B 476 10.26 -9.81 -19.78
C THR B 476 9.03 -9.02 -20.25
N PRO B 477 9.12 -8.17 -21.29
CA PRO B 477 7.94 -7.47 -21.80
C PRO B 477 6.84 -8.47 -22.18
N SER B 478 5.57 -8.13 -21.90
CA SER B 478 4.37 -8.85 -22.37
C SER B 478 4.15 -8.56 -23.84
N TYR B 479 4.41 -7.34 -24.28
CA TYR B 479 4.30 -6.90 -25.71
C TYR B 479 5.02 -5.57 -25.90
N TYR B 480 4.99 -5.06 -27.12
CA TYR B 480 5.71 -3.83 -27.52
C TYR B 480 4.81 -2.95 -28.37
N TYR B 481 5.19 -1.68 -28.45
CA TYR B 481 4.82 -0.75 -29.53
C TYR B 481 6.10 -0.39 -30.27
N VAL B 482 6.06 -0.60 -31.57
CA VAL B 482 7.15 -0.17 -32.48
C VAL B 482 6.54 0.86 -33.43
N LYS B 483 7.06 2.09 -33.41
CA LYS B 483 6.56 3.24 -34.22
C LYS B 483 5.03 3.35 -34.12
N GLY B 484 4.47 3.24 -32.91
CA GLY B 484 3.01 3.40 -32.66
C GLY B 484 2.21 2.12 -32.84
N GLU B 485 2.80 1.04 -33.35
CA GLU B 485 2.05 -0.19 -33.67
C GLU B 485 2.31 -1.26 -32.60
N LYS B 486 1.24 -1.91 -32.13
CA LYS B 486 1.35 -2.96 -31.09
C LYS B 486 1.87 -4.25 -31.72
N MET B 487 2.93 -4.84 -31.16
CA MET B 487 3.55 -6.10 -31.63
C MET B 487 3.58 -7.11 -30.48
N GLU B 488 3.11 -8.33 -30.73
CA GLU B 488 3.20 -9.48 -29.78
C GLU B 488 4.63 -10.04 -29.80
#